data_2X9H
#
_entry.id   2X9H
#
_cell.length_a   89.160
_cell.length_b   146.630
_cell.length_c   153.680
_cell.angle_alpha   90.00
_cell.angle_beta   90.00
_cell.angle_gamma   90.00
#
_symmetry.space_group_name_H-M   'C 2 2 21'
#
loop_
_entity.id
_entity.type
_entity.pdbx_description
1 polymer 'MYOSIN-2 HEAVY CHAIN'
2 non-polymer 'ADP METAVANADATE'
3 non-polymer 'MAGNESIUM ION'
4 non-polymer 2,3,4,6,8-PENTACHLORO-9H-CARBAZOL-1-OL
5 water water
#
_entity_poly.entity_id   1
_entity_poly.type   'polypeptide(L)'
_entity_poly.pdbx_seq_one_letter_code
;DPIHDRTSDYHKYLKVKQGDSDLFKLTVSDKRYIWYNPDPKERDSYECGEIVSETSDSFTFKTVDGQDRQVKKDDANQRN
PIKFDGVEDMSELSYLNEPAVFHNLRVRYNQDLIYTYSGLFLVAVNPFKIIPIYTQEMVDIFKGRRRNEVAPHIFAISDV
AYRSMLDDRQNQSLLITGESGAGKTENTKKVIQYLASVAGRNQANGSGVLEQQILQANPILEAFGNAKTTRNNNSSRFGK
FIEIQFNSAGFISGASIQSYLLEKSRVVFQSETERNYHIFYQLLAGATAEEKKALHLAGPESFNYLNQSGCVDIKGVSDS
EEFKITRQAMDIVGFSQEEQMSIFKIIAGILHLGNIKFEKGAGEGAVLKDKTALNAASTVFGVNPSVLEKALMEPRILAG
RDLVAQHLNVEKSSSSRDALVKALYGRLFLWLVIKINNVLCQERKAYFIGVLDISGFEIFKVNSFEQLCINYTNEKLQQF
FNHHMFKLEQEEYLKEKINWTFIDFGLDSQATIDLIDGRQPPGILALLDEQSVFPNATDNTLITKLHSHFSKKNAKYEEP
RFSKTEFGVTHYAGQVMYEIQDWLEKNKDPLQQDLELCFKDSSDNVVTKLFNDPNIASRAKKGANFITVAAQYKEQLASL
MATLETTNPHFVRCIIPNNKQLPAKLEDKVVLDQLRCNGVLEGIRITRKGFPNRI
;
_entity_poly.pdbx_strand_id   A
#
loop_
_chem_comp.id
_chem_comp.type
_chem_comp.name
_chem_comp.formula
AD9 non-polymer 'ADP METAVANADATE' 'C10 H16 N5 O13 P2 V'
KI9 non-polymer 2,3,4,6,8-PENTACHLORO-9H-CARBAZOL-1-OL 'C12 H4 Cl5 N O'
MG non-polymer 'MAGNESIUM ION' 'Mg 2'
#
# COMPACT_ATOMS: atom_id res chain seq x y z
N ASP A 1 37.84 10.30 2.28
CA ASP A 1 36.84 9.19 2.12
C ASP A 1 35.91 9.13 3.33
N PRO A 2 34.64 9.57 3.15
CA PRO A 2 33.68 9.72 4.23
C PRO A 2 33.25 8.41 4.88
N ILE A 3 33.27 7.30 4.13
CA ILE A 3 33.02 5.97 4.70
C ILE A 3 33.95 5.71 5.89
N HIS A 4 35.23 6.13 5.76
CA HIS A 4 36.28 5.78 6.72
C HIS A 4 36.61 6.83 7.78
N ASP A 5 35.93 7.96 7.76
CA ASP A 5 36.21 9.04 8.71
C ASP A 5 35.08 9.08 9.77
N ARG A 6 35.44 9.03 11.05
CA ARG A 6 34.42 8.93 12.12
C ARG A 6 33.62 10.23 12.40
N THR A 7 33.91 11.34 11.72
CA THR A 7 33.24 12.64 12.01
C THR A 7 32.16 13.00 11.02
N SER A 8 32.14 12.26 9.92
CA SER A 8 31.27 12.54 8.79
C SER A 8 29.76 12.39 9.11
N ASP A 9 28.94 12.97 8.25
CA ASP A 9 27.50 12.76 8.30
C ASP A 9 27.14 11.25 8.14
N TYR A 10 27.73 10.58 7.15
CA TYR A 10 27.56 9.12 6.98
C TYR A 10 27.80 8.32 8.26
N HIS A 11 28.96 8.52 8.91
CA HIS A 11 29.30 7.81 10.16
C HIS A 11 28.39 8.19 11.36
N LYS A 12 28.05 9.49 11.49
CA LYS A 12 27.14 10.03 12.54
C LYS A 12 25.70 9.45 12.44
N TYR A 13 25.17 9.34 11.22
CA TYR A 13 23.76 8.99 11.01
C TYR A 13 23.44 7.58 10.49
N LEU A 14 24.45 6.85 9.98
CA LEU A 14 24.29 5.48 9.46
C LEU A 14 25.14 4.35 10.07
N LYS A 15 25.96 4.67 11.05
CA LYS A 15 26.85 3.69 11.65
C LYS A 15 26.65 3.72 13.15
N VAL A 16 26.90 2.59 13.80
CA VAL A 16 26.75 2.41 15.26
C VAL A 16 27.78 3.28 15.97
N LYS A 17 27.35 3.99 17.01
CA LYS A 17 28.19 4.88 17.83
C LYS A 17 29.27 4.08 18.49
N GLN A 18 30.46 4.68 18.59
CA GLN A 18 31.60 4.05 19.24
C GLN A 18 31.32 3.83 20.72
N GLY A 19 31.43 2.59 21.17
CA GLY A 19 31.18 2.30 22.58
C GLY A 19 32.35 2.73 23.45
N ASP A 20 32.05 3.16 24.67
CA ASP A 20 33.09 3.64 25.59
C ASP A 20 33.75 2.52 26.40
N SER A 21 34.71 2.87 27.24
CA SER A 21 35.42 1.84 28.01
C SER A 21 34.55 0.99 28.99
N ASP A 22 33.43 1.52 29.45
CA ASP A 22 32.50 0.74 30.30
C ASP A 22 31.85 -0.42 29.50
N LEU A 23 31.37 -0.09 28.30
CA LEU A 23 30.82 -1.08 27.40
C LEU A 23 31.87 -2.08 26.92
N PHE A 24 33.16 -1.76 27.03
CA PHE A 24 34.23 -2.76 26.74
C PHE A 24 34.36 -3.87 27.80
N LYS A 25 34.45 -3.52 29.10
CA LYS A 25 34.52 -4.52 30.19
C LYS A 25 33.41 -5.50 30.02
N LEU A 26 32.24 -4.97 29.62
CA LEU A 26 31.01 -5.77 29.46
C LEU A 26 31.00 -6.66 28.20
N THR A 27 31.53 -6.17 27.09
CA THR A 27 31.74 -6.97 25.86
C THR A 27 32.71 -8.20 26.00
N VAL A 28 33.67 -8.10 26.94
CA VAL A 28 34.68 -9.15 27.11
C VAL A 28 34.38 -10.06 28.28
N SER A 29 33.30 -9.77 29.00
CA SER A 29 32.73 -10.67 30.02
C SER A 29 32.65 -12.11 29.55
N ASP A 30 32.84 -13.03 30.49
CA ASP A 30 32.65 -14.44 30.23
C ASP A 30 31.22 -14.90 30.56
N LYS A 31 30.48 -14.08 31.31
CA LYS A 31 29.06 -14.32 31.62
C LYS A 31 28.19 -14.58 30.36
N ARG A 32 27.11 -15.34 30.53
CA ARG A 32 26.25 -15.77 29.42
C ARG A 32 24.80 -15.52 29.78
N TYR A 33 24.01 -15.25 28.75
CA TYR A 33 22.68 -14.67 28.98
C TYR A 33 21.60 -15.35 28.16
N ILE A 34 20.35 -15.16 28.57
CA ILE A 34 19.18 -15.80 27.96
C ILE A 34 17.99 -14.79 27.91
N TRP A 35 17.19 -14.86 26.85
CA TRP A 35 16.00 -14.06 26.78
C TRP A 35 14.85 -14.92 27.25
N TYR A 36 14.10 -14.47 28.26
CA TYR A 36 12.95 -15.22 28.78
C TYR A 36 11.69 -14.38 28.95
N ASN A 37 10.57 -15.04 29.22
CA ASN A 37 9.29 -14.34 29.50
C ASN A 37 8.95 -14.26 30.96
N PRO A 38 8.88 -13.04 31.53
CA PRO A 38 8.51 -12.74 32.95
C PRO A 38 7.09 -13.19 33.33
N ASP A 39 6.18 -13.11 32.37
CA ASP A 39 4.83 -13.67 32.47
C ASP A 39 4.62 -14.61 31.25
N PRO A 40 4.31 -15.91 31.47
CA PRO A 40 4.16 -16.71 30.24
C PRO A 40 2.82 -16.47 29.51
N LYS A 41 1.96 -15.63 30.09
CA LYS A 41 0.78 -15.11 29.35
C LYS A 41 1.25 -14.28 28.15
N GLU A 42 2.11 -13.29 28.44
CA GLU A 42 2.71 -12.36 27.45
C GLU A 42 4.01 -12.90 26.78
N ARG A 43 3.88 -13.68 25.70
CA ARG A 43 5.03 -14.30 24.94
C ARG A 43 6.02 -13.33 24.26
N ASP A 44 5.60 -12.08 24.05
CA ASP A 44 6.46 -11.15 23.35
C ASP A 44 7.18 -10.15 24.22
N SER A 45 7.04 -10.23 25.53
CA SER A 45 7.72 -9.30 26.42
C SER A 45 8.88 -9.97 27.11
N TYR A 46 10.07 -9.41 26.92
CA TYR A 46 11.27 -10.12 27.28
C TYR A 46 12.07 -9.32 28.27
N GLU A 47 12.66 -10.04 29.21
CA GLU A 47 13.63 -9.48 30.10
C GLU A 47 14.85 -10.37 29.89
N CYS A 48 15.98 -9.93 30.43
CA CYS A 48 17.28 -10.57 30.30
C CYS A 48 17.69 -11.21 31.65
N GLY A 49 18.21 -12.42 31.56
CA GLY A 49 18.63 -13.17 32.73
C GLY A 49 19.99 -13.82 32.52
N GLU A 50 20.82 -13.79 33.56
CA GLU A 50 22.10 -14.44 33.52
C GLU A 50 21.99 -15.95 33.67
N ILE A 51 22.61 -16.70 32.78
CA ILE A 51 22.71 -18.13 32.96
C ILE A 51 23.67 -18.36 34.13
N VAL A 52 23.19 -18.99 35.21
CA VAL A 52 24.10 -19.26 36.36
C VAL A 52 24.68 -20.67 36.42
N SER A 53 23.96 -21.66 35.86
CA SER A 53 24.48 -23.02 35.73
C SER A 53 23.74 -23.80 34.62
N GLU A 54 24.25 -24.97 34.28
CA GLU A 54 23.69 -25.74 33.18
C GLU A 54 23.71 -27.25 33.49
N THR A 55 22.65 -27.97 33.15
CA THR A 55 22.79 -29.41 33.21
C THR A 55 23.09 -29.89 31.82
N SER A 56 23.01 -31.19 31.68
CA SER A 56 23.04 -31.85 30.39
C SER A 56 22.08 -31.26 29.32
N ASP A 57 20.81 -31.09 29.71
CA ASP A 57 19.73 -30.71 28.80
C ASP A 57 19.01 -29.35 29.11
N SER A 58 19.61 -28.53 29.98
CA SER A 58 18.92 -27.36 30.50
C SER A 58 19.79 -26.29 31.15
N PHE A 59 19.29 -25.05 31.18
CA PHE A 59 19.98 -23.91 31.82
C PHE A 59 19.14 -23.45 33.00
N THR A 60 19.82 -22.97 34.05
CA THR A 60 19.19 -22.18 35.12
C THR A 60 19.67 -20.70 35.00
N PHE A 61 18.76 -19.74 35.14
CA PHE A 61 19.11 -18.32 35.00
C PHE A 61 18.52 -17.42 36.06
N LYS A 62 19.12 -16.25 36.28
CA LYS A 62 18.58 -15.27 37.20
C LYS A 62 17.55 -14.41 36.48
N THR A 63 16.31 -14.42 36.95
CA THR A 63 15.31 -13.38 36.64
C THR A 63 15.75 -11.98 37.17
N VAL A 64 15.16 -10.89 36.66
CA VAL A 64 15.48 -9.54 37.18
C VAL A 64 15.04 -9.37 38.63
N ASP A 65 13.79 -9.75 38.94
CA ASP A 65 13.25 -9.56 40.29
C ASP A 65 14.14 -10.28 41.33
N GLY A 66 14.20 -11.62 41.26
CA GLY A 66 14.96 -12.40 42.24
C GLY A 66 15.22 -13.85 41.88
N GLN A 67 14.15 -14.63 41.64
CA GLN A 67 14.18 -16.11 41.50
C GLN A 67 15.10 -16.71 40.43
N ASP A 68 14.94 -18.01 40.19
CA ASP A 68 15.82 -18.77 39.32
C ASP A 68 14.97 -19.73 38.52
N ARG A 69 15.03 -19.68 37.19
CA ARG A 69 14.20 -20.57 36.38
C ARG A 69 14.99 -21.65 35.66
N GLN A 70 14.31 -22.75 35.35
CA GLN A 70 14.86 -23.84 34.61
C GLN A 70 14.03 -24.09 33.35
N VAL A 71 14.70 -24.16 32.19
CA VAL A 71 14.06 -24.59 30.94
C VAL A 71 15.04 -25.40 30.08
N LYS A 72 14.49 -26.13 29.11
CA LYS A 72 15.29 -27.05 28.29
C LYS A 72 16.14 -26.29 27.25
N LYS A 73 17.38 -26.74 27.01
CA LYS A 73 18.27 -26.09 26.03
C LYS A 73 17.62 -25.93 24.64
N ASP A 74 16.62 -26.76 24.38
CA ASP A 74 15.86 -26.79 23.13
C ASP A 74 14.72 -25.82 23.08
N ASP A 75 14.29 -25.34 24.25
CA ASP A 75 13.33 -24.22 24.31
C ASP A 75 13.99 -22.88 24.77
N ALA A 76 15.31 -22.76 24.57
CA ALA A 76 16.08 -21.60 25.05
C ALA A 76 16.36 -20.56 23.98
N ASN A 77 15.87 -19.35 24.23
CA ASN A 77 16.26 -18.19 23.45
C ASN A 77 17.49 -17.53 24.10
N GLN A 78 18.69 -18.00 23.73
CA GLN A 78 19.95 -17.41 24.20
C GLN A 78 20.25 -15.99 23.66
N ARG A 79 20.84 -15.17 24.53
CA ARG A 79 21.23 -13.81 24.13
C ARG A 79 22.54 -13.90 23.41
N ASN A 80 22.64 -13.26 22.28
CA ASN A 80 23.90 -13.24 21.58
C ASN A 80 24.98 -12.53 22.42
N PRO A 81 26.27 -12.89 22.24
CA PRO A 81 27.27 -12.05 22.89
C PRO A 81 27.07 -10.57 22.50
N ILE A 82 27.37 -9.63 23.39
CA ILE A 82 27.02 -8.24 23.12
C ILE A 82 27.85 -7.53 22.00
N LYS A 83 28.92 -8.17 21.52
CA LYS A 83 29.60 -7.70 20.30
C LYS A 83 28.68 -7.64 19.08
N PHE A 84 27.53 -8.30 19.16
CA PHE A 84 26.58 -8.42 18.05
C PHE A 84 25.50 -7.35 18.05
N ASP A 85 25.26 -6.72 19.18
CA ASP A 85 24.26 -5.67 19.29
C ASP A 85 24.53 -4.61 18.27
N GLY A 86 23.66 -4.52 17.29
CA GLY A 86 23.75 -3.45 16.30
C GLY A 86 24.38 -3.90 15.02
N VAL A 87 24.69 -5.20 14.92
CA VAL A 87 25.30 -5.76 13.70
C VAL A 87 24.43 -5.38 12.49
N GLU A 88 25.10 -5.21 11.36
CA GLU A 88 24.43 -4.64 10.20
C GLU A 88 23.60 -5.62 9.37
N ASP A 89 23.87 -6.91 9.57
CA ASP A 89 23.28 -8.01 8.83
C ASP A 89 23.10 -9.13 9.83
N MET A 90 21.87 -9.55 10.04
CA MET A 90 21.57 -10.41 11.18
C MET A 90 21.80 -11.85 10.85
N SER A 91 22.19 -12.14 9.63
CA SER A 91 22.53 -13.49 9.28
C SER A 91 23.84 -13.87 10.00
N GLU A 92 24.49 -12.87 10.57
CA GLU A 92 25.75 -13.03 11.24
C GLU A 92 25.59 -13.43 12.70
N LEU A 93 24.37 -13.44 13.20
CA LEU A 93 24.08 -13.76 14.59
C LEU A 93 24.32 -15.28 14.95
N SER A 94 24.98 -15.56 16.07
CA SER A 94 25.22 -16.95 16.50
C SER A 94 23.89 -17.58 16.86
N TYR A 95 23.05 -16.84 17.60
CA TYR A 95 21.69 -17.33 17.95
C TYR A 95 20.62 -16.58 17.16
N LEU A 96 19.81 -17.38 16.46
CA LEU A 96 18.71 -16.94 15.63
C LEU A 96 17.35 -17.31 16.28
N ASN A 97 16.88 -16.45 17.17
CA ASN A 97 15.59 -16.60 17.82
C ASN A 97 14.89 -15.24 17.80
N GLU A 98 13.62 -15.21 18.23
CA GLU A 98 12.76 -14.04 18.11
C GLU A 98 13.21 -12.84 18.93
N PRO A 99 13.32 -13.02 20.27
CA PRO A 99 13.90 -11.91 21.04
C PRO A 99 15.31 -11.49 20.56
N ALA A 100 16.15 -12.42 20.11
CA ALA A 100 17.47 -12.06 19.61
C ALA A 100 17.35 -11.10 18.42
N VAL A 101 16.41 -11.37 17.50
CA VAL A 101 16.30 -10.54 16.30
C VAL A 101 15.71 -9.19 16.63
N PHE A 102 14.62 -9.21 17.37
CA PHE A 102 13.99 -7.98 17.87
C PHE A 102 14.99 -7.09 18.62
N HIS A 103 15.70 -7.65 19.61
CA HIS A 103 16.76 -6.92 20.30
C HIS A 103 17.73 -6.14 19.36
N ASN A 104 18.31 -6.79 18.36
CA ASN A 104 19.16 -6.14 17.37
C ASN A 104 18.50 -4.96 16.70
N LEU A 105 17.26 -5.14 16.21
CA LEU A 105 16.50 -4.00 15.71
C LEU A 105 16.29 -2.92 16.76
N ARG A 106 16.04 -3.34 18.02
CA ARG A 106 15.87 -2.42 19.19
C ARG A 106 17.11 -1.55 19.37
N VAL A 107 18.28 -2.19 19.37
CA VAL A 107 19.58 -1.51 19.52
C VAL A 107 19.81 -0.48 18.41
N ARG A 108 19.71 -0.94 17.17
CA ARG A 108 19.86 -0.04 16.02
C ARG A 108 18.85 1.13 16.05
N TYR A 109 17.58 0.83 16.30
CA TYR A 109 16.50 1.82 16.32
C TYR A 109 16.70 2.92 17.37
N ASN A 110 17.17 2.56 18.57
CA ASN A 110 17.41 3.52 19.67
C ASN A 110 18.41 4.63 19.35
N GLN A 111 19.32 4.40 18.37
CA GLN A 111 20.18 5.46 17.82
C GLN A 111 19.88 5.75 16.35
N ASP A 112 18.61 5.56 16.00
CA ASP A 112 18.07 5.99 14.73
C ASP A 112 18.62 5.29 13.46
N LEU A 113 19.01 4.03 13.60
CA LEU A 113 19.43 3.24 12.47
C LEU A 113 18.25 2.37 12.00
N ILE A 114 17.58 2.78 10.94
CA ILE A 114 16.33 2.17 10.60
C ILE A 114 16.52 1.00 9.65
N TYR A 115 17.70 0.90 9.07
CA TYR A 115 17.95 -0.13 8.07
C TYR A 115 18.78 -1.20 8.64
N THR A 116 18.33 -2.44 8.44
CA THR A 116 19.09 -3.63 8.78
C THR A 116 18.91 -4.70 7.71
N TYR A 117 20.02 -5.35 7.33
CA TYR A 117 19.99 -6.50 6.42
C TYR A 117 19.63 -7.70 7.19
N SER A 118 18.83 -8.53 6.58
CA SER A 118 18.45 -9.75 7.20
C SER A 118 18.80 -10.85 6.23
N GLY A 119 20.10 -10.98 5.93
CA GLY A 119 20.56 -11.74 4.80
C GLY A 119 20.43 -10.95 3.51
N LEU A 120 19.79 -11.57 2.51
CA LEU A 120 19.63 -11.03 1.14
C LEU A 120 18.66 -9.85 1.02
N PHE A 121 17.70 -9.73 1.94
CA PHE A 121 16.76 -8.61 1.91
C PHE A 121 17.03 -7.54 2.98
N LEU A 122 16.40 -6.36 2.79
CA LEU A 122 16.47 -5.24 3.74
C LEU A 122 15.25 -5.09 4.68
N VAL A 123 15.49 -4.67 5.90
CA VAL A 123 14.39 -4.43 6.83
C VAL A 123 14.47 -2.98 7.13
N ALA A 124 13.30 -2.35 7.17
CA ALA A 124 13.19 -0.92 7.39
C ALA A 124 12.19 -0.65 8.47
N VAL A 125 12.67 -0.27 9.64
CA VAL A 125 11.76 0.09 10.72
C VAL A 125 11.43 1.58 10.63
N ASN A 126 10.14 1.95 10.65
CA ASN A 126 9.70 3.33 10.39
C ASN A 126 10.13 4.25 11.53
N PRO A 127 10.76 5.43 11.22
CA PRO A 127 11.14 6.27 12.33
C PRO A 127 10.03 7.19 12.86
N PHE A 128 9.12 7.61 12.01
CA PHE A 128 8.08 8.60 12.40
C PHE A 128 8.70 9.88 12.87
N LYS A 129 9.92 10.10 12.40
CA LYS A 129 10.59 11.39 12.50
C LYS A 129 11.47 11.58 11.29
N ILE A 130 11.85 12.82 11.05
CA ILE A 130 12.77 13.11 9.95
C ILE A 130 14.20 12.78 10.43
N ILE A 131 14.93 12.04 9.59
CA ILE A 131 16.34 11.68 9.85
C ILE A 131 17.15 12.01 8.59
N PRO A 132 18.27 12.77 8.73
CA PRO A 132 18.96 13.36 7.55
C PRO A 132 19.84 12.39 6.72
N ILE A 133 19.28 11.35 6.15
CA ILE A 133 20.09 10.32 5.46
C ILE A 133 19.78 10.13 3.98
N TYR A 134 19.20 11.16 3.33
CA TYR A 134 18.72 11.10 1.98
C TYR A 134 19.14 12.31 1.14
N THR A 135 20.12 13.07 1.64
CA THR A 135 20.77 14.19 0.92
C THR A 135 21.56 13.69 -0.31
N GLN A 136 21.78 14.56 -1.31
CA GLN A 136 22.70 14.27 -2.43
C GLN A 136 24.04 13.70 -1.90
N GLU A 137 24.56 14.29 -0.82
CA GLU A 137 25.80 13.82 -0.19
C GLU A 137 25.73 12.30 -0.01
N MET A 138 24.60 11.82 0.50
CA MET A 138 24.42 10.40 0.86
C MET A 138 24.27 9.50 -0.35
N VAL A 139 23.53 9.96 -1.34
CA VAL A 139 23.46 9.31 -2.65
C VAL A 139 24.84 8.97 -3.22
N ASP A 140 25.78 9.93 -3.08
CA ASP A 140 27.10 9.84 -3.72
C ASP A 140 27.98 8.84 -3.06
N ILE A 141 27.79 8.73 -1.74
CA ILE A 141 28.43 7.74 -0.93
C ILE A 141 28.18 6.34 -1.48
N PHE A 142 26.97 6.12 -1.99
CA PHE A 142 26.53 4.77 -2.35
C PHE A 142 26.80 4.38 -3.80
N LYS A 143 26.97 5.41 -4.64
CA LYS A 143 27.46 5.27 -6.01
C LYS A 143 28.47 4.14 -6.07
N GLY A 144 28.02 3.03 -6.63
CA GLY A 144 28.88 1.93 -7.04
C GLY A 144 29.27 0.89 -6.02
N ARG A 145 29.10 1.20 -4.72
CA ARG A 145 29.68 0.36 -3.65
C ARG A 145 28.99 -1.00 -3.46
N ARG A 146 29.77 -2.05 -3.25
CA ARG A 146 29.18 -3.35 -2.93
C ARG A 146 28.44 -3.26 -1.57
N ARG A 147 27.50 -4.17 -1.37
CA ARG A 147 26.63 -4.21 -0.19
C ARG A 147 27.35 -4.32 1.18
N ASN A 148 28.39 -5.17 1.28
CA ASN A 148 29.09 -5.41 2.56
C ASN A 148 30.14 -4.35 2.93
N GLU A 149 30.40 -3.43 2.01
CA GLU A 149 31.34 -2.36 2.27
C GLU A 149 30.67 -1.06 2.68
N VAL A 150 29.36 -0.93 2.45
CA VAL A 150 28.58 0.23 2.94
C VAL A 150 27.54 -0.17 3.97
N ALA A 151 27.06 0.80 4.75
CA ALA A 151 26.07 0.53 5.81
C ALA A 151 24.69 0.10 5.25
N PRO A 152 23.81 -0.48 6.09
CA PRO A 152 22.50 -0.70 5.47
C PRO A 152 21.72 0.61 5.13
N HIS A 153 21.07 0.61 3.97
CA HIS A 153 20.32 1.77 3.48
C HIS A 153 19.37 1.29 2.40
N ILE A 154 18.35 2.08 2.10
CA ILE A 154 17.54 1.77 0.93
C ILE A 154 18.27 2.09 -0.39
N PHE A 155 19.18 3.05 -0.33
CA PHE A 155 19.95 3.54 -1.48
C PHE A 155 20.82 2.44 -2.06
N ALA A 156 21.33 1.64 -1.13
CA ALA A 156 22.18 0.49 -1.37
C ALA A 156 21.50 -0.67 -2.05
N ILE A 157 20.32 -1.01 -1.55
CA ILE A 157 19.58 -2.12 -2.14
C ILE A 157 19.26 -1.65 -3.54
N SER A 158 19.14 -0.33 -3.69
CA SER A 158 18.83 0.28 -4.99
C SER A 158 20.02 0.19 -5.96
N ASP A 159 21.22 0.39 -5.42
CA ASP A 159 22.45 0.26 -6.19
C ASP A 159 22.72 -1.17 -6.66
N VAL A 160 22.57 -2.12 -5.75
CA VAL A 160 22.79 -3.52 -6.05
C VAL A 160 21.83 -3.92 -7.14
N ALA A 161 20.61 -3.41 -7.08
CA ALA A 161 19.63 -3.81 -8.09
C ALA A 161 20.03 -3.26 -9.46
N TYR A 162 20.43 -1.99 -9.46
CA TYR A 162 21.00 -1.36 -10.62
C TYR A 162 22.28 -2.06 -11.18
N ARG A 163 23.19 -2.47 -10.30
CA ARG A 163 24.41 -3.13 -10.78
C ARG A 163 24.00 -4.39 -11.47
N SER A 164 22.92 -4.98 -11.00
CA SER A 164 22.45 -6.29 -11.43
C SER A 164 21.70 -6.25 -12.77
N MET A 165 21.13 -5.10 -13.09
CA MET A 165 20.54 -4.87 -14.40
C MET A 165 21.61 -4.78 -15.51
N LEU A 166 22.78 -4.23 -15.14
CA LEU A 166 23.90 -4.02 -16.03
C LEU A 166 24.78 -5.26 -16.11
N ASP A 167 25.03 -5.94 -14.99
CA ASP A 167 25.90 -7.15 -14.99
C ASP A 167 25.23 -8.47 -15.40
N ASP A 168 23.91 -8.54 -15.58
CA ASP A 168 23.23 -9.76 -16.06
C ASP A 168 22.36 -9.56 -17.34
N ARG A 169 22.26 -8.31 -17.80
CA ARG A 169 21.47 -7.93 -18.98
C ARG A 169 20.00 -8.42 -18.73
N GLN A 170 19.49 -8.19 -17.51
CA GLN A 170 18.19 -8.74 -17.02
C GLN A 170 17.41 -7.70 -16.20
N ASN A 171 16.08 -7.73 -16.34
CA ASN A 171 15.21 -6.80 -15.66
C ASN A 171 15.11 -7.02 -14.15
N GLN A 172 14.98 -5.93 -13.38
CA GLN A 172 15.00 -6.03 -11.88
C GLN A 172 13.75 -5.47 -11.22
N SER A 173 13.45 -5.94 -10.00
CA SER A 173 12.35 -5.35 -9.23
C SER A 173 12.60 -5.15 -7.72
N LEU A 174 11.97 -4.09 -7.20
CA LEU A 174 11.94 -3.81 -5.77
C LEU A 174 10.54 -3.87 -5.24
N LEU A 175 10.35 -4.92 -4.45
CA LEU A 175 9.12 -5.25 -3.82
C LEU A 175 9.24 -4.79 -2.38
N ILE A 176 8.55 -3.70 -2.09
CA ILE A 176 8.55 -3.14 -0.75
C ILE A 176 7.29 -3.53 -0.05
N THR A 177 7.42 -4.38 0.97
CA THR A 177 6.28 -4.88 1.71
C THR A 177 6.04 -4.05 3.01
N GLY A 178 4.86 -4.18 3.62
CA GLY A 178 4.54 -3.51 4.87
C GLY A 178 3.05 -3.39 5.11
N GLU A 179 2.58 -3.55 6.34
CA GLU A 179 1.22 -3.13 6.65
C GLU A 179 1.15 -1.60 6.46
N SER A 180 -0.07 -1.09 6.57
CA SER A 180 -0.39 0.33 6.34
C SER A 180 0.42 1.18 7.30
N GLY A 181 1.06 2.22 6.79
CA GLY A 181 1.82 3.12 7.63
C GLY A 181 3.25 2.71 7.97
N ALA A 182 3.64 1.50 7.59
CA ALA A 182 4.98 0.98 7.90
C ALA A 182 6.19 1.64 7.11
N GLY A 183 5.96 2.25 5.94
CA GLY A 183 6.95 3.11 5.33
C GLY A 183 7.23 2.83 3.89
N LYS A 184 6.35 2.07 3.27
CA LYS A 184 6.46 1.68 1.87
C LYS A 184 6.61 2.83 0.90
N THR A 185 5.64 3.73 0.94
CA THR A 185 5.63 4.82 0.05
C THR A 185 6.89 5.67 0.21
N GLU A 186 7.34 5.89 1.45
CA GLU A 186 8.52 6.74 1.68
C GLU A 186 9.77 6.11 1.07
N ASN A 187 9.93 4.82 1.29
CA ASN A 187 11.06 4.10 0.70
C ASN A 187 11.00 4.00 -0.81
N THR A 188 9.81 3.78 -1.36
CA THR A 188 9.53 3.95 -2.81
C THR A 188 10.07 5.27 -3.33
N LYS A 189 9.68 6.40 -2.71
CA LYS A 189 10.21 7.69 -3.11
C LYS A 189 11.74 7.58 -3.22
N LYS A 190 12.38 7.00 -2.19
CA LYS A 190 13.82 6.99 -2.10
C LYS A 190 14.45 6.20 -3.24
N VAL A 191 13.87 5.04 -3.58
CA VAL A 191 14.33 4.26 -4.74
C VAL A 191 14.35 5.11 -6.01
N ILE A 192 13.28 5.85 -6.26
CA ILE A 192 13.22 6.73 -7.43
C ILE A 192 14.28 7.87 -7.32
N GLN A 193 14.28 8.65 -6.22
CA GLN A 193 15.35 9.63 -5.98
C GLN A 193 16.75 9.10 -6.32
N TYR A 194 17.09 7.91 -5.80
CA TYR A 194 18.41 7.35 -5.97
C TYR A 194 18.70 6.95 -7.43
N LEU A 195 17.81 6.15 -8.01
CA LEU A 195 17.79 5.80 -9.44
C LEU A 195 17.93 6.99 -10.35
N ALA A 196 17.11 8.00 -10.09
CA ALA A 196 17.17 9.28 -10.79
C ALA A 196 18.57 9.95 -10.82
N SER A 197 19.19 10.07 -9.65
CA SER A 197 20.42 10.80 -9.53
C SER A 197 21.53 9.98 -10.18
N VAL A 198 21.60 8.71 -9.82
CA VAL A 198 22.67 7.82 -10.21
C VAL A 198 22.76 7.49 -11.72
N ALA A 199 21.63 7.56 -12.42
CA ALA A 199 21.56 7.10 -13.82
C ALA A 199 20.94 8.17 -14.73
N GLY A 200 20.93 9.42 -14.23
CA GLY A 200 20.41 10.58 -14.95
C GLY A 200 21.46 11.39 -15.68
N ARG A 201 20.99 12.42 -16.42
CA ARG A 201 21.84 13.33 -17.22
C ARG A 201 22.31 14.53 -16.40
N GLY A 206 17.97 18.53 -24.32
CA GLY A 206 17.21 17.74 -23.36
C GLY A 206 17.49 18.16 -21.92
N SER A 207 18.77 18.33 -21.60
CA SER A 207 19.24 18.71 -20.23
C SER A 207 19.03 17.58 -19.17
N GLY A 208 18.57 17.92 -17.95
CA GLY A 208 18.11 16.93 -16.94
C GLY A 208 16.60 16.97 -16.61
N VAL A 209 15.76 16.97 -17.65
CA VAL A 209 14.33 17.32 -17.52
C VAL A 209 13.47 16.11 -17.21
N LEU A 210 13.68 15.03 -17.94
CA LEU A 210 13.04 13.73 -17.65
C LEU A 210 13.16 13.38 -16.17
N GLU A 211 14.39 13.46 -15.63
CA GLU A 211 14.65 13.17 -14.21
C GLU A 211 13.74 13.96 -13.28
N GLN A 212 13.63 15.27 -13.49
CA GLN A 212 12.78 16.12 -12.64
C GLN A 212 11.30 15.76 -12.87
N GLN A 213 10.97 15.33 -14.09
CA GLN A 213 9.58 15.01 -14.44
C GLN A 213 9.07 13.72 -13.77
N ILE A 214 9.90 12.68 -13.70
CA ILE A 214 9.59 11.48 -12.91
C ILE A 214 9.40 11.75 -11.41
N LEU A 215 10.29 12.52 -10.80
CA LEU A 215 10.23 12.81 -9.36
C LEU A 215 8.93 13.57 -9.03
N GLN A 216 8.63 14.52 -9.89
CA GLN A 216 7.50 15.43 -9.72
C GLN A 216 6.14 14.81 -10.23
N ALA A 217 6.15 13.50 -10.48
CA ALA A 217 4.99 12.74 -10.89
C ALA A 217 4.38 12.06 -9.70
N ASN A 218 5.11 12.03 -8.61
CA ASN A 218 4.54 11.44 -7.41
C ASN A 218 3.73 12.42 -6.47
N PRO A 219 4.14 13.71 -6.34
CA PRO A 219 3.23 14.58 -5.59
C PRO A 219 1.86 14.77 -6.23
N ILE A 220 1.75 14.63 -7.56
CA ILE A 220 0.44 14.79 -8.20
C ILE A 220 -0.42 13.65 -7.69
N LEU A 221 -0.03 12.44 -8.09
CA LEU A 221 -0.65 11.20 -7.68
C LEU A 221 -0.97 11.10 -6.20
N GLU A 222 -0.08 11.58 -5.36
CA GLU A 222 -0.26 11.58 -3.92
C GLU A 222 -1.41 12.52 -3.47
N ALA A 223 -1.55 13.67 -4.13
CA ALA A 223 -2.63 14.61 -3.82
C ALA A 223 -4.03 14.04 -4.14
N PHE A 224 -4.09 13.15 -5.13
CA PHE A 224 -5.34 12.60 -5.66
C PHE A 224 -5.70 11.21 -5.14
N GLY A 225 -4.71 10.49 -4.65
CA GLY A 225 -4.90 9.13 -4.20
C GLY A 225 -4.41 8.85 -2.79
N ASN A 226 -3.84 9.84 -2.11
CA ASN A 226 -3.57 9.66 -0.67
C ASN A 226 -4.59 10.38 0.18
N ALA A 227 -4.81 9.87 1.39
CA ALA A 227 -5.79 10.37 2.36
C ALA A 227 -5.40 9.95 3.78
N LYS A 228 -5.90 10.70 4.76
CA LYS A 228 -5.71 10.37 6.15
C LYS A 228 -6.68 9.25 6.56
N THR A 229 -6.12 8.10 6.92
CA THR A 229 -6.87 7.04 7.63
C THR A 229 -6.40 7.02 9.09
N THR A 230 -7.08 6.21 9.90
CA THR A 230 -6.74 6.00 11.34
C THR A 230 -5.40 5.31 11.51
N ARG A 231 -4.91 4.70 10.45
CA ARG A 231 -3.63 4.00 10.45
C ARG A 231 -2.44 4.79 9.90
N ASN A 232 -2.72 5.73 9.00
CA ASN A 232 -1.70 6.51 8.28
C ASN A 232 -2.25 7.87 7.83
N ASN A 233 -1.57 8.93 8.23
CA ASN A 233 -1.97 10.28 7.82
C ASN A 233 -1.77 10.57 6.32
N ASN A 234 -1.01 9.72 5.64
CA ASN A 234 -0.70 9.86 4.23
C ASN A 234 -0.83 8.52 3.46
N SER A 235 -1.95 7.87 3.70
CA SER A 235 -2.15 6.52 3.26
C SER A 235 -2.43 6.51 1.76
N SER A 236 -1.73 5.66 1.03
CA SER A 236 -1.98 5.45 -0.37
C SER A 236 -3.25 4.63 -0.58
N ARG A 237 -4.26 5.25 -1.17
CA ARG A 237 -5.53 4.54 -1.40
C ARG A 237 -5.65 3.91 -2.82
N PHE A 238 -4.47 3.67 -3.44
CA PHE A 238 -4.24 3.02 -4.74
C PHE A 238 -2.84 2.39 -4.72
N GLY A 239 -2.72 1.26 -5.42
CA GLY A 239 -1.46 0.64 -5.63
C GLY A 239 -0.75 1.17 -6.88
N LYS A 240 0.56 1.05 -6.85
CA LYS A 240 1.48 1.71 -7.78
C LYS A 240 2.63 0.72 -8.18
N PHE A 241 2.74 0.47 -9.48
CA PHE A 241 3.93 -0.12 -10.08
C PHE A 241 4.60 0.92 -10.91
N ILE A 242 5.88 1.12 -10.65
CA ILE A 242 6.66 2.06 -11.42
C ILE A 242 7.85 1.30 -12.04
N GLU A 243 7.85 1.28 -13.36
CA GLU A 243 9.02 0.87 -14.16
C GLU A 243 9.86 2.10 -14.40
N ILE A 244 11.01 2.20 -13.75
CA ILE A 244 12.02 3.15 -14.19
C ILE A 244 12.79 2.54 -15.38
N GLN A 245 12.79 3.21 -16.53
CA GLN A 245 13.28 2.62 -17.79
C GLN A 245 14.72 3.05 -18.11
N PHE A 246 15.52 2.13 -18.68
CA PHE A 246 16.94 2.40 -18.96
C PHE A 246 17.33 2.04 -20.40
N ASN A 247 18.28 2.82 -20.96
CA ASN A 247 18.73 2.63 -22.36
C ASN A 247 19.73 1.49 -22.44
N SER A 248 20.22 1.21 -23.66
CA SER A 248 21.20 0.13 -23.83
C SER A 248 22.42 0.41 -22.99
N ALA A 249 22.92 1.64 -23.07
CA ALA A 249 24.05 2.05 -22.25
C ALA A 249 23.76 1.88 -20.74
N GLY A 250 22.57 2.29 -20.27
CA GLY A 250 22.13 2.15 -18.86
C GLY A 250 21.78 3.47 -18.23
N PHE A 251 21.47 4.46 -19.06
CA PHE A 251 21.03 5.77 -18.62
C PHE A 251 19.47 5.77 -18.61
N ILE A 252 18.85 6.72 -17.91
CA ILE A 252 17.39 6.77 -17.85
C ILE A 252 16.67 7.16 -19.14
N SER A 253 15.87 6.23 -19.66
CA SER A 253 15.15 6.41 -20.90
C SER A 253 13.70 6.79 -20.63
N GLY A 254 13.19 6.38 -19.47
CA GLY A 254 11.79 6.65 -19.12
C GLY A 254 11.31 6.10 -17.79
N ALA A 255 9.99 6.12 -17.63
CA ALA A 255 9.24 5.52 -16.52
C ALA A 255 7.78 5.38 -16.94
N SER A 256 7.13 4.33 -16.46
CA SER A 256 5.71 4.14 -16.66
C SER A 256 5.07 3.78 -15.32
N ILE A 257 3.99 4.47 -14.98
CA ILE A 257 3.26 4.13 -13.78
C ILE A 257 1.97 3.38 -14.12
N GLN A 258 1.81 2.19 -13.54
CA GLN A 258 0.54 1.47 -13.57
C GLN A 258 -0.15 1.56 -12.17
N SER A 259 -1.38 2.05 -12.12
CA SER A 259 -2.11 2.09 -10.87
C SER A 259 -3.15 0.98 -10.73
N TYR A 260 -3.40 0.65 -9.48
CA TYR A 260 -4.37 -0.37 -9.13
C TYR A 260 -5.26 0.09 -8.03
N LEU A 261 -6.56 -0.10 -8.24
CA LEU A 261 -7.49 -0.14 -7.13
C LEU A 261 -7.64 1.14 -6.32
N LEU A 262 -7.89 2.26 -6.99
CA LEU A 262 -8.35 3.47 -6.31
C LEU A 262 -9.57 3.16 -5.46
N GLU A 263 -9.44 3.39 -4.16
CA GLU A 263 -10.58 3.31 -3.26
C GLU A 263 -11.60 4.45 -3.58
N LYS A 264 -12.36 4.28 -4.66
CA LYS A 264 -13.27 5.31 -5.13
C LYS A 264 -14.30 5.68 -4.10
N SER A 265 -14.66 4.75 -3.23
CA SER A 265 -15.67 5.00 -2.20
C SER A 265 -15.27 6.08 -1.19
N ARG A 266 -13.97 6.31 -1.01
CA ARG A 266 -13.53 7.40 -0.12
C ARG A 266 -14.06 8.76 -0.50
N VAL A 267 -14.35 8.98 -1.79
CA VAL A 267 -14.75 10.31 -2.26
C VAL A 267 -16.12 10.77 -1.70
N VAL A 268 -16.90 9.82 -1.21
CA VAL A 268 -18.28 10.06 -0.77
C VAL A 268 -18.55 9.60 0.69
N PHE A 269 -17.51 9.13 1.36
CA PHE A 269 -17.65 8.55 2.68
C PHE A 269 -16.29 8.31 3.37
N GLN A 270 -16.15 8.89 4.56
CA GLN A 270 -15.01 8.64 5.44
C GLN A 270 -15.49 8.22 6.82
N SER A 271 -14.75 7.30 7.42
CA SER A 271 -14.91 6.90 8.82
C SER A 271 -14.56 8.01 9.78
N GLU A 272 -15.07 7.93 11.01
CA GLU A 272 -14.66 8.94 12.01
C GLU A 272 -13.15 9.21 12.06
N THR A 273 -12.82 10.49 12.10
CA THR A 273 -11.47 10.97 12.28
C THR A 273 -10.63 10.93 11.02
N GLU A 274 -11.16 10.37 9.92
CA GLU A 274 -10.38 10.24 8.64
C GLU A 274 -10.61 11.41 7.70
N ARG A 275 -9.95 11.41 6.54
CA ARG A 275 -10.14 12.49 5.55
C ARG A 275 -10.45 11.94 4.14
N ASN A 276 -11.08 12.76 3.30
CA ASN A 276 -11.18 12.49 1.88
C ASN A 276 -9.76 12.67 1.31
N TYR A 277 -9.64 12.59 0.00
CA TYR A 277 -8.37 12.78 -0.67
C TYR A 277 -7.75 14.18 -0.47
N HIS A 278 -6.44 14.21 -0.14
CA HIS A 278 -5.76 15.45 0.23
C HIS A 278 -6.22 16.61 -0.68
N ILE A 279 -6.38 16.32 -1.99
CA ILE A 279 -6.66 17.29 -3.01
C ILE A 279 -7.84 18.15 -2.69
N PHE A 280 -8.87 17.55 -2.10
CA PHE A 280 -10.07 18.32 -1.82
C PHE A 280 -9.71 19.46 -0.90
N TYR A 281 -8.96 19.13 0.14
CA TYR A 281 -8.56 20.08 1.18
C TYR A 281 -7.58 21.13 0.68
N GLN A 282 -6.70 20.71 -0.23
CA GLN A 282 -5.69 21.55 -0.85
C GLN A 282 -6.32 22.66 -1.71
N LEU A 283 -7.36 22.28 -2.45
CA LEU A 283 -8.10 23.19 -3.28
C LEU A 283 -8.78 24.28 -2.45
N LEU A 284 -9.76 23.90 -1.63
CA LEU A 284 -10.41 24.79 -0.66
C LEU A 284 -9.53 25.74 0.19
N ALA A 285 -8.31 25.30 0.58
CA ALA A 285 -7.36 26.08 1.41
C ALA A 285 -6.38 26.94 0.61
N GLY A 286 -5.93 26.44 -0.54
CA GLY A 286 -4.82 27.04 -1.25
C GLY A 286 -5.14 27.87 -2.48
N ALA A 287 -6.43 27.98 -2.81
CA ALA A 287 -6.92 28.76 -3.97
C ALA A 287 -7.04 30.28 -3.71
N THR A 288 -6.93 31.09 -4.76
CA THR A 288 -7.17 32.55 -4.67
C THR A 288 -8.69 32.87 -4.51
N ALA A 289 -9.05 33.93 -3.78
CA ALA A 289 -10.47 34.34 -3.55
C ALA A 289 -11.27 34.55 -4.86
N GLU A 290 -10.54 34.89 -5.94
CA GLU A 290 -11.04 34.88 -7.33
C GLU A 290 -11.38 33.46 -7.82
N GLU A 291 -10.42 32.53 -7.74
CA GLU A 291 -10.66 31.09 -8.04
C GLU A 291 -11.80 30.45 -7.19
N LYS A 292 -11.92 30.78 -5.90
CA LYS A 292 -13.04 30.29 -5.06
C LYS A 292 -14.40 30.74 -5.58
N LYS A 293 -14.43 31.91 -6.22
CA LYS A 293 -15.68 32.58 -6.63
C LYS A 293 -16.27 31.99 -7.92
N ALA A 294 -15.42 31.76 -8.92
CA ALA A 294 -15.84 31.09 -10.18
C ALA A 294 -16.17 29.59 -9.97
N LEU A 295 -15.70 29.02 -8.84
CA LEU A 295 -15.91 27.61 -8.48
C LEU A 295 -17.00 27.39 -7.38
N HIS A 296 -17.47 28.50 -6.79
CA HIS A 296 -18.55 28.57 -5.79
C HIS A 296 -18.09 27.87 -4.51
N LEU A 297 -16.83 28.11 -4.14
CA LEU A 297 -16.25 27.43 -2.99
C LEU A 297 -16.60 28.06 -1.65
N ALA A 298 -16.30 27.33 -0.59
CA ALA A 298 -16.49 27.74 0.79
C ALA A 298 -15.43 26.99 1.63
N GLY A 299 -15.64 26.86 2.94
CA GLY A 299 -14.77 26.01 3.74
C GLY A 299 -15.22 24.54 3.68
N PRO A 300 -14.35 23.61 4.09
CA PRO A 300 -14.66 22.18 4.15
C PRO A 300 -15.93 21.87 4.94
N GLU A 301 -16.24 22.72 5.92
CA GLU A 301 -17.36 22.44 6.82
C GLU A 301 -18.73 22.45 6.13
N SER A 302 -18.84 23.07 4.94
CA SER A 302 -20.15 23.17 4.24
C SER A 302 -20.36 22.14 3.09
N PHE A 303 -19.50 21.13 3.04
CA PHE A 303 -19.64 20.07 2.04
C PHE A 303 -19.80 18.72 2.69
N ASN A 304 -20.91 18.03 2.38
CA ASN A 304 -21.14 16.66 2.83
C ASN A 304 -19.99 15.69 2.61
N TYR A 305 -19.20 15.90 1.57
CA TYR A 305 -18.11 14.99 1.30
C TYR A 305 -16.86 15.23 2.19
N LEU A 306 -16.92 16.25 3.05
CA LEU A 306 -15.73 16.72 3.72
C LEU A 306 -15.97 17.04 5.17
N ASN A 307 -17.23 16.94 5.61
CA ASN A 307 -17.60 17.34 6.98
C ASN A 307 -18.33 16.31 7.85
N GLN A 308 -18.22 15.03 7.50
CA GLN A 308 -18.95 13.97 8.18
C GLN A 308 -18.06 13.37 9.24
N SER A 309 -16.75 13.60 9.09
CA SER A 309 -15.76 12.84 9.86
C SER A 309 -15.31 13.41 11.22
N GLY A 310 -15.50 14.72 11.38
CA GLY A 310 -15.00 15.43 12.56
C GLY A 310 -13.63 16.07 12.35
N CYS A 311 -12.90 15.63 11.30
CA CYS A 311 -11.53 16.09 11.01
C CYS A 311 -11.32 16.68 9.57
N VAL A 312 -10.84 17.93 9.51
CA VAL A 312 -10.48 18.64 8.25
C VAL A 312 -9.00 18.95 8.09
N ASP A 313 -8.18 18.64 9.09
CA ASP A 313 -6.71 18.79 8.95
C ASP A 313 -5.90 17.66 9.58
N ILE A 314 -4.60 17.67 9.30
CA ILE A 314 -3.65 16.66 9.76
C ILE A 314 -2.56 17.46 10.50
N LYS A 315 -2.10 17.01 11.67
CA LYS A 315 -1.09 17.78 12.43
C LYS A 315 0.21 17.94 11.64
N GLY A 316 0.68 19.19 11.46
CA GLY A 316 1.97 19.49 10.83
C GLY A 316 2.06 19.38 9.30
N VAL A 317 0.94 19.55 8.63
CA VAL A 317 0.90 19.64 7.17
C VAL A 317 -0.10 20.79 6.87
N SER A 318 0.31 21.80 6.10
CA SER A 318 -0.57 22.90 5.75
C SER A 318 -1.14 22.58 4.37
N ASP A 319 -2.46 22.54 4.24
CA ASP A 319 -3.05 22.20 2.96
C ASP A 319 -2.89 23.29 1.93
N SER A 320 -2.88 24.53 2.42
CA SER A 320 -2.59 25.67 1.61
C SER A 320 -1.24 25.45 0.95
N GLU A 321 -0.30 25.02 1.78
CA GLU A 321 1.07 24.79 1.36
C GLU A 321 1.23 23.66 0.35
N GLU A 322 0.49 22.57 0.51
CA GLU A 322 0.59 21.41 -0.42
C GLU A 322 0.00 21.70 -1.80
N PHE A 323 -0.98 22.59 -1.84
CA PHE A 323 -1.58 23.01 -3.11
C PHE A 323 -0.55 23.59 -4.05
N LYS A 324 0.46 24.28 -3.50
CA LYS A 324 1.53 24.88 -4.31
C LYS A 324 2.45 23.78 -4.85
N ILE A 325 2.88 22.86 -3.99
CA ILE A 325 3.75 21.75 -4.43
C ILE A 325 3.08 20.97 -5.61
N THR A 326 1.78 20.79 -5.48
CA THR A 326 0.91 20.11 -6.46
C THR A 326 0.80 20.87 -7.81
N ARG A 327 0.30 22.11 -7.76
CA ARG A 327 0.34 23.01 -8.92
C ARG A 327 1.73 23.07 -9.59
N GLN A 328 2.79 23.29 -8.80
CA GLN A 328 4.19 23.24 -9.28
C GLN A 328 4.52 21.90 -9.93
N ALA A 329 3.86 20.83 -9.45
CA ALA A 329 4.07 19.50 -10.03
C ALA A 329 3.39 19.32 -11.38
N MET A 330 2.18 19.85 -11.55
CA MET A 330 1.53 19.82 -12.82
C MET A 330 2.19 20.73 -13.89
N ASP A 331 2.69 21.91 -13.48
CA ASP A 331 3.64 22.71 -14.30
C ASP A 331 4.79 21.89 -14.86
N ILE A 332 5.70 21.44 -13.99
CA ILE A 332 6.88 20.71 -14.45
C ILE A 332 6.47 19.54 -15.37
N VAL A 333 5.34 18.91 -15.05
CA VAL A 333 4.82 17.85 -15.92
C VAL A 333 4.24 18.31 -17.27
N GLY A 334 3.77 19.55 -17.39
CA GLY A 334 3.34 20.04 -18.69
C GLY A 334 1.85 19.81 -18.88
N PHE A 335 1.14 19.92 -17.77
CA PHE A 335 -0.30 20.15 -17.78
C PHE A 335 -0.52 21.64 -18.06
N SER A 336 -1.21 21.96 -19.16
CA SER A 336 -1.55 23.34 -19.51
C SER A 336 -2.46 23.97 -18.43
N GLN A 337 -2.59 25.31 -18.40
CA GLN A 337 -3.50 25.99 -17.44
C GLN A 337 -4.99 25.76 -17.71
N GLU A 338 -5.34 25.53 -18.99
CA GLU A 338 -6.71 25.13 -19.37
C GLU A 338 -6.99 23.77 -18.73
N GLU A 339 -6.01 22.85 -18.81
CA GLU A 339 -6.09 21.54 -18.14
C GLU A 339 -6.25 21.58 -16.61
N GLN A 340 -5.39 22.31 -15.90
CA GLN A 340 -5.59 22.45 -14.45
C GLN A 340 -6.94 23.03 -14.06
N MET A 341 -7.36 24.09 -14.75
CA MET A 341 -8.58 24.82 -14.40
C MET A 341 -9.75 23.86 -14.47
N SER A 342 -9.68 22.94 -15.42
CA SER A 342 -10.64 21.85 -15.59
C SER A 342 -10.58 20.79 -14.47
N ILE A 343 -9.34 20.39 -14.14
CA ILE A 343 -9.06 19.49 -13.06
C ILE A 343 -9.70 19.98 -11.76
N PHE A 344 -9.53 21.26 -11.43
CA PHE A 344 -10.18 21.81 -10.20
C PHE A 344 -11.65 22.08 -10.37
N LYS A 345 -12.12 22.09 -11.61
CA LYS A 345 -13.54 22.13 -11.89
C LYS A 345 -14.16 20.78 -11.61
N ILE A 346 -13.50 19.71 -12.05
CA ILE A 346 -13.97 18.35 -11.78
C ILE A 346 -14.03 18.12 -10.26
N ILE A 347 -12.94 18.48 -9.56
CA ILE A 347 -12.85 18.41 -8.09
C ILE A 347 -13.91 19.28 -7.40
N ALA A 348 -14.11 20.50 -7.88
CA ALA A 348 -15.14 21.39 -7.34
C ALA A 348 -16.54 20.86 -7.52
N GLY A 349 -16.81 20.21 -8.65
CA GLY A 349 -18.15 19.74 -8.94
C GLY A 349 -18.54 18.53 -8.15
N ILE A 350 -17.55 17.69 -7.85
CA ILE A 350 -17.73 16.51 -7.03
C ILE A 350 -18.24 17.01 -5.66
N LEU A 351 -17.51 17.97 -5.08
CA LEU A 351 -17.98 18.57 -3.84
C LEU A 351 -19.43 19.07 -3.95
N HIS A 352 -19.75 19.84 -5.01
CA HIS A 352 -21.15 20.27 -5.20
C HIS A 352 -22.15 19.12 -5.35
N LEU A 353 -21.85 18.14 -6.22
CA LEU A 353 -22.68 16.95 -6.32
C LEU A 353 -22.96 16.37 -4.94
N GLY A 354 -21.98 16.47 -4.04
CA GLY A 354 -22.14 16.03 -2.67
C GLY A 354 -23.16 16.77 -1.81
N ASN A 355 -23.51 18.00 -2.22
CA ASN A 355 -24.36 18.87 -1.41
C ASN A 355 -25.81 18.80 -1.80
N ILE A 356 -26.11 18.14 -2.92
CA ILE A 356 -27.47 17.92 -3.34
C ILE A 356 -28.22 17.14 -2.26
N LYS A 357 -29.27 17.73 -1.70
CA LYS A 357 -30.12 17.03 -0.75
C LYS A 357 -31.31 16.51 -1.52
N PHE A 358 -31.59 15.22 -1.45
CA PHE A 358 -32.82 14.66 -2.01
C PHE A 358 -33.89 14.44 -0.91
N GLU A 359 -35.13 14.82 -1.21
CA GLU A 359 -36.24 14.57 -0.27
C GLU A 359 -37.37 13.76 -0.92
N LYS A 360 -38.18 13.10 -0.10
CA LYS A 360 -39.40 12.45 -0.56
C LYS A 360 -40.35 13.48 -1.25
N GLY A 361 -40.99 13.10 -2.35
CA GLY A 361 -41.96 14.00 -3.03
C GLY A 361 -43.41 13.66 -2.69
N ALA A 362 -44.34 13.95 -3.60
CA ALA A 362 -45.74 13.55 -3.34
C ALA A 362 -45.83 12.02 -3.09
N GLY A 363 -45.34 11.21 -4.02
CA GLY A 363 -45.42 9.73 -3.92
C GLY A 363 -44.13 9.04 -3.47
N GLU A 364 -43.90 7.80 -3.95
CA GLU A 364 -42.73 7.03 -3.47
C GLU A 364 -41.36 7.46 -4.02
N GLY A 365 -41.38 8.17 -5.16
CA GLY A 365 -40.18 8.72 -5.79
C GLY A 365 -39.75 10.10 -5.32
N ALA A 366 -38.50 10.44 -5.64
CA ALA A 366 -37.76 11.58 -5.08
C ALA A 366 -37.84 12.86 -5.89
N VAL A 367 -37.77 14.00 -5.19
CA VAL A 367 -37.78 15.33 -5.77
C VAL A 367 -36.57 16.10 -5.19
N LEU A 368 -36.24 17.22 -5.81
CA LEU A 368 -35.10 18.01 -5.39
C LEU A 368 -35.63 19.41 -5.24
N LYS A 369 -35.80 19.85 -3.99
CA LYS A 369 -36.43 21.14 -3.69
C LYS A 369 -35.47 22.31 -3.90
N ASP A 370 -34.37 22.29 -3.19
CA ASP A 370 -33.37 23.32 -3.34
C ASP A 370 -32.44 22.86 -4.44
N LYS A 371 -32.34 23.65 -5.50
CA LYS A 371 -31.44 23.35 -6.62
C LYS A 371 -30.14 24.16 -6.63
N THR A 372 -29.74 24.75 -5.49
CA THR A 372 -28.47 25.48 -5.37
C THR A 372 -27.26 24.62 -5.78
N ALA A 373 -27.05 23.53 -5.03
CA ALA A 373 -26.05 22.46 -5.33
C ALA A 373 -26.04 21.90 -6.77
N LEU A 374 -27.20 21.44 -7.24
CA LEU A 374 -27.30 20.99 -8.61
C LEU A 374 -26.79 22.05 -9.58
N ASN A 375 -27.28 23.27 -9.48
CA ASN A 375 -26.89 24.34 -10.42
C ASN A 375 -25.41 24.70 -10.41
N ALA A 376 -24.84 24.78 -9.22
CA ALA A 376 -23.42 24.99 -9.09
C ALA A 376 -22.59 23.90 -9.83
N ALA A 377 -22.95 22.63 -9.62
CA ALA A 377 -22.27 21.50 -10.27
C ALA A 377 -22.38 21.59 -11.79
N SER A 378 -23.59 21.82 -12.26
CA SER A 378 -23.83 21.94 -13.67
C SER A 378 -23.02 23.07 -14.25
N THR A 379 -23.02 24.23 -13.57
CA THR A 379 -22.15 25.36 -13.93
C THR A 379 -20.67 24.99 -14.06
N VAL A 380 -20.02 24.37 -13.05
CA VAL A 380 -18.56 24.10 -13.17
C VAL A 380 -18.17 22.95 -14.11
N PHE A 381 -19.13 22.03 -14.34
CA PHE A 381 -18.94 20.90 -15.26
C PHE A 381 -19.17 21.22 -16.74
N GLY A 382 -20.12 22.11 -17.04
CA GLY A 382 -20.52 22.41 -18.43
C GLY A 382 -21.59 21.47 -18.94
N VAL A 383 -22.62 21.32 -18.13
CA VAL A 383 -23.68 20.39 -18.45
C VAL A 383 -25.00 21.05 -18.08
N ASN A 384 -26.05 20.63 -18.78
CA ASN A 384 -27.42 21.08 -18.56
C ASN A 384 -27.96 20.58 -17.19
N PRO A 385 -28.24 21.51 -16.24
CA PRO A 385 -28.80 21.13 -14.92
C PRO A 385 -30.11 20.32 -14.94
N SER A 386 -30.97 20.59 -15.92
CA SER A 386 -32.26 19.88 -16.01
C SER A 386 -32.10 18.46 -16.58
N VAL A 387 -31.12 18.28 -17.46
CA VAL A 387 -30.74 16.95 -17.90
C VAL A 387 -30.10 16.10 -16.76
N LEU A 388 -29.22 16.71 -15.97
CA LEU A 388 -28.66 16.07 -14.79
C LEU A 388 -29.72 15.72 -13.77
N GLU A 389 -30.59 16.68 -13.46
CA GLU A 389 -31.70 16.48 -12.54
C GLU A 389 -32.49 15.18 -12.88
N LYS A 390 -32.93 15.10 -14.15
CA LYS A 390 -33.72 13.98 -14.68
C LYS A 390 -32.90 12.67 -14.70
N ALA A 391 -31.66 12.74 -15.16
CA ALA A 391 -30.72 11.61 -15.14
C ALA A 391 -30.36 11.05 -13.75
N LEU A 392 -30.58 11.87 -12.73
CA LEU A 392 -30.35 11.51 -11.35
C LEU A 392 -31.58 10.87 -10.71
N MET A 393 -32.77 11.42 -10.92
CA MET A 393 -33.96 10.87 -10.20
C MET A 393 -34.92 10.07 -11.04
N GLU A 394 -34.79 10.29 -12.35
CA GLU A 394 -35.66 9.72 -13.33
C GLU A 394 -34.84 9.10 -14.49
N PRO A 395 -33.85 8.24 -14.20
CA PRO A 395 -33.07 7.75 -15.34
C PRO A 395 -33.83 6.71 -16.16
N ARG A 396 -33.56 6.65 -17.47
CA ARG A 396 -34.26 5.69 -18.32
C ARG A 396 -33.47 4.38 -18.47
N ILE A 397 -34.19 3.27 -18.41
CA ILE A 397 -33.65 1.93 -18.70
C ILE A 397 -34.47 1.21 -19.80
N LEU A 398 -33.93 0.07 -20.28
CA LEU A 398 -34.69 -0.93 -21.04
C LEU A 398 -35.36 -1.94 -20.13
N ALA A 399 -36.65 -2.19 -20.39
CA ALA A 399 -37.44 -3.32 -19.80
C ALA A 399 -37.90 -4.25 -20.94
N GLY A 400 -37.12 -5.30 -21.17
CA GLY A 400 -37.17 -6.05 -22.41
C GLY A 400 -36.46 -5.16 -23.38
N ARG A 401 -37.23 -4.53 -24.25
CA ARG A 401 -36.71 -3.65 -25.27
C ARG A 401 -37.36 -2.27 -25.17
N ASP A 402 -38.43 -2.22 -24.38
CA ASP A 402 -39.13 -0.97 -24.08
C ASP A 402 -38.24 -0.01 -23.24
N LEU A 403 -38.49 1.27 -23.44
CA LEU A 403 -37.79 2.32 -22.73
C LEU A 403 -38.67 2.73 -21.53
N VAL A 404 -38.16 2.54 -20.32
CA VAL A 404 -38.94 2.88 -19.11
C VAL A 404 -38.22 3.92 -18.24
N ALA A 405 -38.89 5.05 -18.03
CA ALA A 405 -38.44 6.05 -17.09
C ALA A 405 -38.74 5.50 -15.68
N GLN A 406 -37.72 5.45 -14.86
CA GLN A 406 -37.81 4.93 -13.51
C GLN A 406 -37.90 6.15 -12.67
N HIS A 407 -38.52 6.05 -11.52
CA HIS A 407 -38.50 7.22 -10.64
C HIS A 407 -37.91 6.80 -9.34
N LEU A 408 -36.67 7.21 -9.09
CA LEU A 408 -35.88 6.68 -7.96
C LEU A 408 -36.20 7.39 -6.66
N ASN A 409 -36.34 6.61 -5.58
CA ASN A 409 -36.47 7.16 -4.20
C ASN A 409 -35.21 7.90 -3.70
N VAL A 410 -35.27 8.35 -2.44
CA VAL A 410 -34.19 9.07 -1.78
C VAL A 410 -32.90 8.27 -1.68
N GLU A 411 -32.97 7.04 -1.12
CA GLU A 411 -31.81 6.11 -1.06
C GLU A 411 -31.17 5.88 -2.45
N LYS A 412 -31.97 5.50 -3.45
CA LYS A 412 -31.46 5.18 -4.80
C LYS A 412 -30.93 6.37 -5.62
N SER A 413 -31.50 7.55 -5.41
CA SER A 413 -31.08 8.76 -6.09
C SER A 413 -29.73 9.23 -5.56
N SER A 414 -29.55 9.07 -4.24
CA SER A 414 -28.33 9.43 -3.54
C SER A 414 -27.17 8.55 -3.96
N SER A 415 -27.42 7.24 -4.05
CA SER A 415 -26.45 6.24 -4.54
C SER A 415 -25.98 6.47 -5.97
N SER A 416 -26.93 6.86 -6.83
CA SER A 416 -26.68 7.21 -8.21
C SER A 416 -25.80 8.44 -8.35
N ARG A 417 -26.12 9.50 -7.59
CA ARG A 417 -25.24 10.67 -7.41
C ARG A 417 -23.85 10.25 -6.97
N ASP A 418 -23.77 9.35 -6.00
CA ASP A 418 -22.51 8.84 -5.47
C ASP A 418 -21.73 8.09 -6.52
N ALA A 419 -22.46 7.28 -7.28
CA ALA A 419 -21.96 6.50 -8.37
C ALA A 419 -21.41 7.42 -9.45
N LEU A 420 -22.13 8.50 -9.78
CA LEU A 420 -21.62 9.50 -10.71
C LEU A 420 -20.33 10.11 -10.15
N VAL A 421 -20.36 10.53 -8.87
CA VAL A 421 -19.17 11.08 -8.20
C VAL A 421 -17.93 10.16 -8.29
N LYS A 422 -18.08 8.88 -7.86
CA LYS A 422 -16.99 7.87 -7.84
C LYS A 422 -16.38 7.60 -9.24
N ALA A 423 -17.23 7.61 -10.26
CA ALA A 423 -16.83 7.47 -11.65
C ALA A 423 -16.11 8.70 -12.18
N LEU A 424 -16.62 9.89 -11.91
CA LEU A 424 -15.88 11.14 -12.21
C LEU A 424 -14.49 11.11 -11.61
N TYR A 425 -14.43 10.84 -10.32
CA TYR A 425 -13.12 10.82 -9.69
C TYR A 425 -12.19 9.70 -10.21
N GLY A 426 -12.71 8.48 -10.29
CA GLY A 426 -11.93 7.35 -10.77
C GLY A 426 -11.37 7.54 -12.18
N ARG A 427 -12.20 8.11 -13.05
CA ARG A 427 -11.83 8.41 -14.44
C ARG A 427 -10.84 9.55 -14.53
N LEU A 428 -11.03 10.57 -13.71
CA LEU A 428 -10.05 11.62 -13.48
C LEU A 428 -8.70 11.08 -13.02
N PHE A 429 -8.72 10.17 -12.06
CA PHE A 429 -7.47 9.52 -11.67
C PHE A 429 -6.81 8.82 -12.87
N LEU A 430 -7.57 7.97 -13.57
CA LEU A 430 -7.03 7.21 -14.68
C LEU A 430 -6.41 8.17 -15.73
N TRP A 431 -7.09 9.29 -16.03
CA TRP A 431 -6.56 10.32 -16.90
C TRP A 431 -5.27 11.04 -16.41
N LEU A 432 -5.19 11.47 -15.14
CA LEU A 432 -3.92 11.97 -14.63
C LEU A 432 -2.79 10.99 -14.95
N VAL A 433 -3.02 9.71 -14.70
CA VAL A 433 -1.97 8.71 -14.88
C VAL A 433 -1.58 8.53 -16.35
N ILE A 434 -2.57 8.40 -17.26
CA ILE A 434 -2.26 8.22 -18.69
C ILE A 434 -1.54 9.44 -19.28
N LYS A 435 -1.86 10.61 -18.76
CA LYS A 435 -1.19 11.85 -19.12
C LYS A 435 0.28 11.88 -18.65
N ILE A 436 0.49 11.69 -17.35
CA ILE A 436 1.82 11.56 -16.82
C ILE A 436 2.61 10.53 -17.62
N ASN A 437 2.02 9.38 -17.86
CA ASN A 437 2.69 8.30 -18.56
C ASN A 437 3.18 8.60 -19.98
N ASN A 438 2.46 9.53 -20.61
CA ASN A 438 2.62 9.92 -22.00
C ASN A 438 3.81 10.89 -22.16
N VAL A 439 3.96 11.78 -21.18
CA VAL A 439 5.12 12.66 -21.07
C VAL A 439 6.42 11.85 -20.80
N LEU A 440 6.30 10.72 -20.08
CA LEU A 440 7.46 9.97 -19.54
C LEU A 440 7.95 8.74 -20.33
N CYS A 441 7.03 8.01 -20.97
CA CYS A 441 7.39 6.96 -21.92
C CYS A 441 7.61 7.72 -23.19
N GLN A 442 8.89 7.96 -23.50
CA GLN A 442 9.38 8.80 -24.62
C GLN A 442 10.40 8.00 -25.44
N GLU A 443 10.63 6.77 -25.02
CA GLU A 443 11.71 6.00 -25.57
C GLU A 443 11.46 4.52 -25.37
N ARG A 444 11.84 3.75 -26.38
CA ARG A 444 11.76 2.32 -26.30
C ARG A 444 12.84 1.80 -25.33
N LYS A 445 12.44 1.35 -24.14
CA LYS A 445 13.37 0.93 -23.10
C LYS A 445 14.20 -0.27 -23.51
N ALA A 446 15.43 -0.35 -23.05
CA ALA A 446 16.18 -1.61 -23.20
C ALA A 446 15.98 -2.41 -21.96
N TYR A 447 15.89 -1.72 -20.83
CA TYR A 447 15.84 -2.36 -19.52
C TYR A 447 14.93 -1.60 -18.49
N PHE A 448 14.43 -2.30 -17.49
CA PHE A 448 13.78 -1.63 -16.38
C PHE A 448 14.10 -2.19 -15.00
N ILE A 449 13.94 -1.29 -14.03
CA ILE A 449 13.73 -1.67 -12.62
C ILE A 449 12.27 -1.36 -12.25
N GLY A 450 11.51 -2.33 -11.74
CA GLY A 450 10.11 -2.04 -11.30
C GLY A 450 9.90 -1.87 -9.80
N VAL A 451 9.49 -0.68 -9.36
CA VAL A 451 9.08 -0.46 -7.94
C VAL A 451 7.55 -0.67 -7.70
N LEU A 452 7.25 -1.63 -6.83
CA LEU A 452 5.90 -1.94 -6.39
C LEU A 452 5.65 -1.23 -5.06
N ASP A 453 4.69 -0.32 -5.08
CA ASP A 453 4.27 0.36 -3.88
C ASP A 453 2.76 0.10 -3.69
N ILE A 454 2.38 -0.91 -2.93
CA ILE A 454 0.96 -1.23 -2.79
C ILE A 454 0.33 -0.56 -1.58
N SER A 455 -1.00 -0.46 -1.55
CA SER A 455 -1.68 -0.25 -0.27
C SER A 455 -1.39 -1.42 0.68
N GLY A 456 -0.86 -1.17 1.85
CA GLY A 456 -0.48 -2.24 2.74
C GLY A 456 -1.62 -2.82 3.54
N PHE A 457 -1.32 -3.95 4.16
CA PHE A 457 -2.26 -4.72 4.94
C PHE A 457 -2.96 -3.79 5.96
N GLU A 458 -4.28 -3.85 5.99
CA GLU A 458 -5.00 -2.95 6.88
C GLU A 458 -6.18 -3.62 7.58
N ILE A 459 -6.44 -3.22 8.82
CA ILE A 459 -7.70 -3.62 9.51
C ILE A 459 -8.35 -2.42 10.20
N PHE A 460 -9.67 -2.36 10.12
CA PHE A 460 -10.48 -1.31 10.66
C PHE A 460 -11.64 -1.98 11.33
N LYS A 461 -12.33 -1.26 12.21
CA LYS A 461 -13.51 -1.76 12.91
C LYS A 461 -14.52 -2.29 11.90
N VAL A 462 -14.58 -1.63 10.73
CA VAL A 462 -15.48 -1.97 9.59
C VAL A 462 -14.64 -2.15 8.34
N ASN A 463 -14.53 -3.40 7.92
CA ASN A 463 -13.74 -3.84 6.81
C ASN A 463 -14.63 -4.30 5.65
N SER A 464 -14.39 -3.82 4.44
CA SER A 464 -15.29 -4.03 3.36
C SER A 464 -14.54 -4.54 2.12
N PHE A 465 -15.17 -4.44 0.95
CA PHE A 465 -14.67 -5.04 -0.28
C PHE A 465 -13.28 -4.52 -0.65
N GLU A 466 -13.10 -3.21 -0.53
CA GLU A 466 -11.81 -2.58 -0.72
C GLU A 466 -10.71 -3.28 0.13
N GLN A 467 -10.98 -3.48 1.43
CA GLN A 467 -10.06 -4.14 2.39
C GLN A 467 -9.70 -5.55 1.99
N LEU A 468 -10.70 -6.28 1.49
CA LEU A 468 -10.50 -7.62 0.97
C LEU A 468 -9.49 -7.61 -0.17
N CYS A 469 -9.69 -6.74 -1.15
CA CYS A 469 -8.78 -6.60 -2.26
C CYS A 469 -7.42 -6.06 -1.79
N ILE A 470 -7.37 -5.14 -0.82
CA ILE A 470 -6.11 -4.66 -0.29
C ILE A 470 -5.41 -5.89 0.29
N ASN A 471 -6.13 -6.68 1.07
CA ASN A 471 -5.47 -7.67 1.89
C ASN A 471 -5.10 -8.92 1.14
N TYR A 472 -5.90 -9.22 0.12
CA TYR A 472 -5.65 -10.25 -0.84
C TYR A 472 -4.34 -9.95 -1.57
N THR A 473 -4.14 -8.69 -1.98
CA THR A 473 -2.91 -8.27 -2.66
C THR A 473 -1.71 -8.40 -1.70
N ASN A 474 -1.85 -7.91 -0.48
CA ASN A 474 -0.79 -8.07 0.46
C ASN A 474 -0.45 -9.52 0.68
N GLU A 475 -1.45 -10.40 0.69
CA GLU A 475 -1.23 -11.83 0.78
C GLU A 475 -0.43 -12.50 -0.39
N LYS A 476 -0.69 -12.04 -1.64
CA LYS A 476 -0.04 -12.54 -2.83
C LYS A 476 1.39 -12.06 -2.86
N LEU A 477 1.62 -10.85 -2.39
CA LEU A 477 2.94 -10.34 -2.32
C LEU A 477 3.77 -11.17 -1.34
N GLN A 478 3.15 -11.57 -0.21
CA GLN A 478 3.82 -12.35 0.84
C GLN A 478 4.20 -13.75 0.35
N GLN A 479 3.27 -14.43 -0.32
CA GLN A 479 3.52 -15.68 -1.01
C GLN A 479 4.60 -15.50 -2.09
N PHE A 480 4.67 -14.32 -2.69
CA PHE A 480 5.70 -14.06 -3.68
C PHE A 480 7.10 -14.04 -3.05
N PHE A 481 7.24 -13.44 -1.86
CA PHE A 481 8.42 -13.64 -0.99
C PHE A 481 8.59 -15.15 -0.69
N ASN A 482 7.54 -15.82 -0.24
CA ASN A 482 7.65 -17.22 0.10
C ASN A 482 8.17 -18.09 -1.04
N HIS A 483 7.78 -17.78 -2.28
CA HIS A 483 8.14 -18.57 -3.47
C HIS A 483 9.61 -18.39 -3.81
N HIS A 484 10.07 -17.13 -3.81
CA HIS A 484 11.48 -16.79 -4.04
C HIS A 484 12.50 -17.16 -2.95
N MET A 485 12.11 -17.04 -1.69
CA MET A 485 13.02 -17.32 -0.60
C MET A 485 13.12 -18.78 -0.30
N PHE A 486 12.00 -19.49 -0.41
CA PHE A 486 11.90 -20.86 0.08
C PHE A 486 11.55 -21.93 -0.97
N LYS A 487 10.56 -21.69 -1.81
CA LYS A 487 10.16 -22.71 -2.78
C LYS A 487 11.14 -22.79 -4.00
N LEU A 488 11.35 -21.68 -4.71
CA LEU A 488 12.31 -21.61 -5.86
C LEU A 488 13.75 -21.98 -5.45
N GLU A 489 14.23 -21.39 -4.36
CA GLU A 489 15.49 -21.72 -3.73
C GLU A 489 15.73 -23.23 -3.56
N GLN A 490 14.73 -23.96 -3.10
CA GLN A 490 14.97 -25.34 -2.73
C GLN A 490 14.75 -26.32 -3.90
N GLU A 491 13.89 -25.95 -4.85
CA GLU A 491 13.62 -26.74 -6.04
C GLU A 491 14.78 -26.69 -7.02
N GLU A 492 15.64 -25.66 -6.87
CA GLU A 492 16.95 -25.64 -7.49
C GLU A 492 17.70 -26.74 -6.74
N TYR A 493 18.54 -26.37 -5.78
CA TYR A 493 19.19 -27.32 -4.86
C TYR A 493 18.92 -28.80 -5.18
N LEU A 494 17.65 -29.22 -5.04
CA LEU A 494 17.21 -30.61 -5.22
C LEU A 494 17.39 -31.07 -6.69
N LYS A 495 17.19 -30.14 -7.64
CA LYS A 495 17.43 -30.40 -9.06
C LYS A 495 18.90 -30.47 -9.39
N GLU A 496 19.72 -29.58 -8.81
CA GLU A 496 21.18 -29.67 -8.96
C GLU A 496 21.79 -30.79 -8.09
N LYS A 497 20.97 -31.74 -7.64
CA LYS A 497 21.36 -32.87 -6.75
C LYS A 497 22.50 -32.63 -5.76
N ILE A 498 22.76 -31.38 -5.37
CA ILE A 498 23.95 -31.08 -4.57
C ILE A 498 23.68 -31.32 -3.05
N ASN A 499 22.80 -32.28 -2.75
CA ASN A 499 22.71 -32.96 -1.44
C ASN A 499 21.92 -32.32 -0.29
N TRP A 500 20.81 -31.68 -0.64
CA TRP A 500 19.96 -30.93 0.30
C TRP A 500 18.81 -31.75 0.90
N THR A 501 18.73 -31.80 2.23
CA THR A 501 17.55 -32.34 2.86
C THR A 501 16.55 -31.18 3.00
N PHE A 502 15.39 -31.36 2.35
CA PHE A 502 14.22 -30.42 2.34
C PHE A 502 13.86 -29.86 3.72
N ILE A 503 13.62 -28.54 3.82
CA ILE A 503 13.08 -27.96 5.04
C ILE A 503 11.68 -27.41 4.77
N ASP A 504 10.75 -27.76 5.66
CA ASP A 504 9.44 -27.12 5.72
C ASP A 504 9.60 -25.93 6.65
N PHE A 505 9.56 -24.73 6.07
CA PHE A 505 9.64 -23.49 6.85
C PHE A 505 8.28 -23.07 7.51
N GLY A 506 7.18 -23.69 7.06
CA GLY A 506 5.89 -23.58 7.71
C GLY A 506 5.22 -22.27 7.40
N LEU A 507 5.60 -21.69 6.25
CA LEU A 507 5.12 -20.41 5.68
C LEU A 507 4.53 -20.64 4.29
N ASP A 508 3.20 -20.57 4.20
CA ASP A 508 2.49 -20.95 2.99
C ASP A 508 1.10 -20.36 3.06
N SER A 509 0.90 -19.22 2.40
CA SER A 509 -0.39 -18.56 2.46
C SER A 509 -1.23 -18.85 1.22
N GLN A 510 -0.97 -20.01 0.66
CA GLN A 510 -1.68 -20.61 -0.50
C GLN A 510 -3.15 -20.87 -0.26
N ALA A 511 -3.48 -21.43 0.91
CA ALA A 511 -4.84 -21.82 1.23
C ALA A 511 -5.70 -20.57 1.46
N THR A 512 -5.07 -19.49 1.92
CA THR A 512 -5.75 -18.21 1.97
C THR A 512 -5.93 -17.61 0.58
N ILE A 513 -4.91 -17.65 -0.28
CA ILE A 513 -5.05 -17.11 -1.62
C ILE A 513 -6.23 -17.83 -2.33
N ASP A 514 -6.25 -19.17 -2.28
CA ASP A 514 -7.22 -20.01 -2.98
C ASP A 514 -8.66 -19.78 -2.51
N LEU A 515 -8.84 -19.54 -1.22
CA LEU A 515 -10.16 -19.26 -0.64
C LEU A 515 -10.78 -18.00 -1.23
N ILE A 516 -9.92 -17.04 -1.51
CA ILE A 516 -10.34 -15.80 -2.11
C ILE A 516 -10.48 -15.96 -3.61
N ASP A 517 -9.43 -16.41 -4.30
CA ASP A 517 -9.40 -16.37 -5.79
C ASP A 517 -9.54 -17.67 -6.62
N GLY A 518 -9.63 -18.82 -5.96
CA GLY A 518 -9.76 -20.09 -6.70
C GLY A 518 -10.99 -20.10 -7.57
N ARG A 519 -10.93 -20.80 -8.72
CA ARG A 519 -12.10 -20.87 -9.56
C ARG A 519 -12.86 -22.19 -9.51
N GLN A 520 -12.16 -23.29 -9.24
CA GLN A 520 -12.80 -24.63 -9.15
C GLN A 520 -12.03 -25.58 -8.20
N PRO A 521 -12.50 -25.77 -6.95
CA PRO A 521 -13.77 -25.30 -6.39
C PRO A 521 -13.78 -23.77 -6.33
N PRO A 522 -14.98 -23.12 -6.45
CA PRO A 522 -15.09 -21.63 -6.47
C PRO A 522 -14.71 -20.93 -5.15
N GLY A 523 -13.99 -19.80 -5.24
CA GLY A 523 -13.53 -19.01 -4.07
C GLY A 523 -14.48 -17.88 -3.72
N ILE A 524 -14.09 -17.00 -2.79
CA ILE A 524 -14.99 -15.95 -2.39
C ILE A 524 -15.35 -15.09 -3.58
N LEU A 525 -14.33 -14.60 -4.29
CA LEU A 525 -14.50 -13.74 -5.46
C LEU A 525 -15.38 -14.32 -6.56
N ALA A 526 -15.29 -15.62 -6.85
CA ALA A 526 -16.14 -16.25 -7.87
C ALA A 526 -17.57 -16.40 -7.36
N LEU A 527 -17.74 -16.68 -6.07
CA LEU A 527 -19.10 -16.67 -5.56
C LEU A 527 -19.68 -15.24 -5.62
N LEU A 528 -18.83 -14.24 -5.41
CA LEU A 528 -19.26 -12.86 -5.53
C LEU A 528 -19.71 -12.60 -6.94
N ASP A 529 -18.85 -12.96 -7.90
CA ASP A 529 -19.11 -12.79 -9.34
C ASP A 529 -20.42 -13.43 -9.81
N GLU A 530 -20.66 -14.67 -9.39
CA GLU A 530 -21.81 -15.43 -9.81
C GLU A 530 -23.06 -14.72 -9.25
N GLN A 531 -22.99 -14.27 -7.99
CA GLN A 531 -24.07 -13.52 -7.35
C GLN A 531 -24.40 -12.13 -7.99
N SER A 532 -23.39 -11.50 -8.57
CA SER A 532 -23.51 -10.18 -9.19
C SER A 532 -24.27 -10.16 -10.53
N VAL A 533 -24.48 -11.34 -11.10
CA VAL A 533 -25.07 -11.42 -12.41
C VAL A 533 -26.21 -12.41 -12.35
N PHE A 534 -26.67 -12.66 -11.12
CA PHE A 534 -27.89 -13.42 -10.82
C PHE A 534 -28.89 -12.39 -10.28
N PRO A 535 -30.07 -12.22 -10.95
CA PRO A 535 -30.95 -10.99 -10.70
C PRO A 535 -31.84 -10.85 -9.41
N ASN A 536 -32.08 -11.94 -8.67
CA ASN A 536 -32.79 -11.87 -7.37
C ASN A 536 -31.85 -11.86 -6.14
N ALA A 537 -30.58 -11.57 -6.40
CA ALA A 537 -29.50 -11.71 -5.43
C ALA A 537 -29.47 -10.51 -4.49
N THR A 538 -29.17 -10.72 -3.22
CA THR A 538 -29.06 -9.63 -2.24
C THR A 538 -27.73 -9.77 -1.47
N ASP A 539 -27.37 -8.82 -0.62
CA ASP A 539 -26.22 -9.04 0.27
C ASP A 539 -26.47 -10.24 1.19
N ASN A 540 -27.75 -10.46 1.58
CA ASN A 540 -28.20 -11.62 2.37
C ASN A 540 -28.01 -12.97 1.63
N THR A 541 -28.37 -13.02 0.34
CA THR A 541 -28.20 -14.29 -0.42
C THR A 541 -26.73 -14.57 -0.72
N LEU A 542 -25.93 -13.52 -0.87
CA LEU A 542 -24.47 -13.63 -0.92
C LEU A 542 -23.74 -14.18 0.34
N ILE A 543 -23.96 -13.61 1.51
CA ILE A 543 -23.26 -14.17 2.64
C ILE A 543 -23.70 -15.61 3.02
N THR A 544 -25.00 -15.96 2.87
CA THR A 544 -25.53 -17.34 3.05
C THR A 544 -24.75 -18.26 2.20
N LYS A 545 -24.57 -17.87 0.95
CA LYS A 545 -23.82 -18.65 -0.04
C LYS A 545 -22.37 -18.84 0.35
N LEU A 546 -21.70 -17.78 0.80
CA LEU A 546 -20.36 -17.88 1.30
C LEU A 546 -20.27 -18.80 2.50
N HIS A 547 -21.19 -18.67 3.45
CA HIS A 547 -21.18 -19.55 4.64
C HIS A 547 -21.36 -21.02 4.20
N SER A 548 -22.24 -21.21 3.24
CA SER A 548 -22.60 -22.50 2.70
C SER A 548 -21.41 -23.24 2.05
N HIS A 549 -20.55 -22.48 1.36
CA HIS A 549 -19.36 -23.08 0.77
C HIS A 549 -18.19 -23.23 1.74
N PHE A 550 -18.12 -22.40 2.79
CA PHE A 550 -16.87 -22.34 3.54
C PHE A 550 -16.93 -22.57 5.04
N SER A 551 -18.10 -22.41 5.65
CA SER A 551 -18.19 -22.57 7.10
C SER A 551 -17.97 -24.06 7.45
N LYS A 552 -17.08 -24.32 8.39
CA LYS A 552 -16.64 -25.68 8.81
C LYS A 552 -16.08 -26.56 7.71
N LYS A 553 -15.69 -25.95 6.59
CA LYS A 553 -15.15 -26.66 5.45
C LYS A 553 -13.72 -26.16 5.07
N ASN A 554 -13.51 -24.84 4.99
CA ASN A 554 -12.18 -24.23 4.77
C ASN A 554 -11.62 -23.77 6.13
N ALA A 555 -10.44 -24.30 6.48
CA ALA A 555 -9.72 -24.01 7.76
C ALA A 555 -9.24 -22.54 7.81
N LYS A 556 -9.45 -21.81 6.71
CA LYS A 556 -9.07 -20.42 6.62
C LYS A 556 -10.24 -19.43 6.71
N TYR A 557 -11.45 -19.95 6.84
CA TYR A 557 -12.68 -19.18 6.82
C TYR A 557 -13.39 -19.34 8.14
N GLU A 558 -14.07 -18.29 8.58
CA GLU A 558 -14.98 -18.42 9.72
C GLU A 558 -16.38 -17.82 9.46
N GLU A 559 -17.43 -18.56 9.81
CA GLU A 559 -18.73 -17.94 9.99
C GLU A 559 -18.86 -17.45 11.45
N PRO A 560 -18.86 -16.14 11.66
CA PRO A 560 -18.96 -15.67 13.07
C PRO A 560 -20.30 -16.01 13.74
N ARG A 561 -20.28 -16.37 15.01
CA ARG A 561 -21.52 -16.66 15.76
C ARG A 561 -22.22 -15.37 16.21
N PHE A 562 -21.45 -14.28 16.19
CA PHE A 562 -21.82 -13.03 16.74
C PHE A 562 -22.51 -12.09 15.73
N SER A 563 -22.60 -12.41 14.44
CA SER A 563 -23.18 -11.47 13.48
C SER A 563 -23.69 -12.33 12.38
N LYS A 564 -24.65 -11.84 11.60
CA LYS A 564 -25.15 -12.59 10.46
C LYS A 564 -24.72 -11.98 9.12
N THR A 565 -23.81 -10.99 9.17
CA THR A 565 -23.40 -10.20 7.97
C THR A 565 -21.85 -10.05 7.73
N GLU A 566 -21.03 -10.72 8.55
CA GLU A 566 -19.58 -10.61 8.47
C GLU A 566 -19.02 -12.01 8.22
N PHE A 567 -17.88 -12.14 7.55
CA PHE A 567 -17.17 -13.43 7.48
C PHE A 567 -15.72 -13.17 7.78
N GLY A 568 -15.01 -14.11 8.41
CA GLY A 568 -13.58 -13.92 8.66
C GLY A 568 -12.66 -14.64 7.67
N VAL A 569 -11.58 -13.99 7.23
CA VAL A 569 -10.49 -14.68 6.55
C VAL A 569 -9.25 -14.55 7.39
N THR A 570 -8.56 -15.65 7.60
CA THR A 570 -7.31 -15.72 8.35
C THR A 570 -6.17 -15.54 7.36
N HIS A 571 -5.76 -14.28 7.23
CA HIS A 571 -4.64 -13.82 6.45
C HIS A 571 -3.34 -14.14 7.19
N TYR A 572 -2.22 -14.11 6.46
CA TYR A 572 -0.87 -14.26 7.02
C TYR A 572 -0.63 -13.30 8.20
N ALA A 573 -1.13 -12.07 8.08
CA ALA A 573 -0.98 -10.99 9.08
C ALA A 573 -2.07 -10.91 10.21
N GLY A 574 -3.06 -11.79 10.13
CA GLY A 574 -4.09 -11.95 11.12
C GLY A 574 -5.44 -12.10 10.46
N GLN A 575 -6.39 -12.55 11.26
CA GLN A 575 -7.78 -12.70 10.88
C GLN A 575 -8.46 -11.36 10.73
N VAL A 576 -9.19 -11.23 9.62
CA VAL A 576 -9.88 -10.01 9.34
C VAL A 576 -11.35 -10.37 9.18
N MET A 577 -12.19 -9.63 9.92
CA MET A 577 -13.66 -9.70 9.78
C MET A 577 -14.17 -8.71 8.76
N TYR A 578 -14.79 -9.24 7.70
CA TYR A 578 -15.37 -8.49 6.55
C TYR A 578 -16.91 -8.33 6.64
N GLU A 579 -17.38 -7.08 6.55
CA GLU A 579 -18.79 -6.72 6.45
C GLU A 579 -19.25 -6.80 4.99
N ILE A 580 -20.38 -7.46 4.76
CA ILE A 580 -20.85 -7.75 3.41
C ILE A 580 -21.72 -6.68 2.81
N GLN A 581 -22.30 -5.82 3.66
CA GLN A 581 -23.11 -4.71 3.20
C GLN A 581 -22.44 -4.14 1.96
N ASP A 582 -23.26 -4.00 0.91
CA ASP A 582 -22.91 -3.27 -0.32
C ASP A 582 -21.96 -3.95 -1.34
N TRP A 583 -21.59 -5.22 -1.10
CA TRP A 583 -20.60 -5.92 -1.95
C TRP A 583 -21.08 -6.06 -3.41
N LEU A 584 -22.36 -6.42 -3.60
CA LEU A 584 -22.94 -6.59 -4.93
C LEU A 584 -22.87 -5.31 -5.76
N GLU A 585 -23.17 -4.18 -5.13
CA GLU A 585 -23.14 -2.96 -5.90
C GLU A 585 -21.68 -2.58 -6.13
N LYS A 586 -20.80 -2.94 -5.23
CA LYS A 586 -19.40 -2.53 -5.35
C LYS A 586 -18.68 -3.34 -6.43
N ASN A 587 -19.14 -4.56 -6.60
CA ASN A 587 -18.65 -5.42 -7.61
C ASN A 587 -19.22 -5.19 -9.03
N LYS A 588 -20.54 -5.00 -9.13
CA LYS A 588 -21.17 -4.55 -10.40
C LYS A 588 -20.65 -3.17 -10.79
N ASP A 589 -20.58 -2.26 -9.83
CA ASP A 589 -20.11 -0.91 -10.06
C ASP A 589 -20.92 -0.26 -11.16
N PRO A 590 -22.26 -0.13 -10.95
CA PRO A 590 -23.13 0.35 -12.00
C PRO A 590 -23.14 1.90 -12.11
N LEU A 591 -23.35 2.40 -13.29
CA LEU A 591 -23.59 3.81 -13.44
C LEU A 591 -24.73 3.93 -14.43
N GLN A 592 -25.75 4.71 -14.10
CA GLN A 592 -26.81 5.01 -15.08
C GLN A 592 -26.30 5.58 -16.43
N GLN A 593 -26.80 5.02 -17.52
CA GLN A 593 -26.41 5.48 -18.85
C GLN A 593 -26.84 6.93 -19.17
N ASP A 594 -27.95 7.38 -18.60
CA ASP A 594 -28.43 8.74 -18.74
C ASP A 594 -27.47 9.75 -18.11
N LEU A 595 -26.70 9.26 -17.13
CA LEU A 595 -25.74 10.10 -16.48
C LEU A 595 -24.57 10.22 -17.42
N GLU A 596 -24.20 9.09 -18.01
CA GLU A 596 -23.13 9.05 -18.99
C GLU A 596 -23.49 9.94 -20.17
N LEU A 597 -24.75 9.83 -20.66
CA LEU A 597 -25.29 10.75 -21.69
C LEU A 597 -25.34 12.24 -21.28
N CYS A 598 -25.57 12.55 -20.01
CA CYS A 598 -25.49 13.93 -19.58
C CYS A 598 -24.09 14.52 -19.75
N PHE A 599 -23.06 13.76 -19.40
CA PHE A 599 -21.66 14.24 -19.34
C PHE A 599 -20.81 14.15 -20.59
N LYS A 600 -21.22 13.36 -21.58
CA LYS A 600 -20.64 13.38 -22.92
C LYS A 600 -20.83 14.74 -23.61
N ASP A 601 -21.93 15.42 -23.31
CA ASP A 601 -22.21 16.75 -23.84
C ASP A 601 -21.65 17.85 -23.00
N SER A 602 -20.52 17.58 -22.38
CA SER A 602 -19.88 18.63 -21.61
C SER A 602 -19.11 19.61 -22.50
N SER A 603 -19.33 20.91 -22.25
CA SER A 603 -18.53 22.00 -22.86
C SER A 603 -17.05 21.97 -22.42
N ASP A 604 -16.78 21.23 -21.35
CA ASP A 604 -15.43 21.12 -20.84
C ASP A 604 -14.62 20.07 -21.58
N ASN A 605 -13.40 20.48 -21.89
CA ASN A 605 -12.45 19.71 -22.70
C ASN A 605 -11.94 18.47 -22.00
N VAL A 606 -11.76 18.57 -20.68
CA VAL A 606 -11.35 17.45 -19.82
C VAL A 606 -12.52 16.49 -19.48
N VAL A 607 -13.63 17.00 -18.95
CA VAL A 607 -14.79 16.18 -18.61
C VAL A 607 -15.22 15.30 -19.81
N THR A 608 -15.13 15.86 -21.03
CA THR A 608 -15.50 15.12 -22.27
C THR A 608 -14.55 13.98 -22.66
N LYS A 609 -13.28 14.12 -22.30
CA LYS A 609 -12.35 13.03 -22.53
C LYS A 609 -12.63 11.89 -21.47
N LEU A 610 -13.17 12.22 -20.30
CA LEU A 610 -13.47 11.22 -19.25
C LEU A 610 -14.68 10.41 -19.57
N PHE A 611 -15.48 10.97 -20.47
CA PHE A 611 -16.72 10.36 -20.81
C PHE A 611 -16.82 9.81 -22.23
N ASN A 612 -15.93 10.27 -23.10
CA ASN A 612 -15.93 9.94 -24.53
C ASN A 612 -14.74 9.14 -24.97
N ASP A 613 -13.67 9.12 -24.20
CA ASP A 613 -12.55 8.28 -24.57
C ASP A 613 -12.87 6.85 -24.17
N PRO A 614 -12.74 5.90 -25.12
CA PRO A 614 -12.81 4.44 -24.88
C PRO A 614 -11.77 3.90 -23.91
N ASN A 615 -10.57 4.49 -23.95
CA ASN A 615 -9.52 4.33 -22.93
C ASN A 615 -10.02 4.37 -21.48
N ILE A 616 -10.85 5.37 -21.20
CA ILE A 616 -11.19 5.76 -19.85
C ILE A 616 -12.67 5.43 -19.49
N ALA A 617 -13.56 5.57 -20.48
CA ALA A 617 -15.02 5.44 -20.27
C ALA A 617 -15.65 4.05 -20.55
N SER A 618 -14.89 3.16 -21.21
CA SER A 618 -15.39 1.87 -21.69
C SER A 618 -15.36 0.79 -20.62
N ARG A 619 -16.08 -0.29 -20.87
CA ARG A 619 -16.02 -1.45 -20.02
C ARG A 619 -15.99 -2.67 -20.90
N ALA A 620 -15.09 -3.59 -20.59
CA ALA A 620 -14.97 -4.83 -21.38
C ALA A 620 -16.13 -5.71 -21.01
N LYS A 621 -16.95 -6.09 -22.00
CA LYS A 621 -18.10 -6.99 -21.79
C LYS A 621 -17.59 -8.40 -21.45
N LYS A 622 -18.46 -9.26 -20.91
CA LYS A 622 -18.18 -10.71 -20.72
C LYS A 622 -19.49 -11.52 -21.01
N GLY A 623 -19.68 -11.93 -22.27
CA GLY A 623 -20.98 -12.45 -22.72
C GLY A 623 -22.05 -11.39 -22.49
N ALA A 624 -23.20 -11.78 -21.95
CA ALA A 624 -24.32 -10.84 -21.77
C ALA A 624 -24.14 -9.82 -20.63
N ASN A 625 -22.90 -9.58 -20.21
CA ASN A 625 -22.58 -8.74 -19.03
C ASN A 625 -21.30 -7.86 -19.13
N PHE A 626 -21.17 -6.85 -18.28
CA PHE A 626 -19.87 -6.18 -18.07
C PHE A 626 -18.97 -6.99 -17.09
N ILE A 627 -17.65 -6.79 -17.22
CA ILE A 627 -16.65 -7.38 -16.30
C ILE A 627 -16.79 -6.83 -14.86
N THR A 628 -16.86 -7.72 -13.87
CA THR A 628 -16.85 -7.24 -12.50
C THR A 628 -15.50 -6.66 -12.04
N VAL A 629 -15.56 -5.86 -10.98
CA VAL A 629 -14.38 -5.31 -10.35
C VAL A 629 -13.44 -6.41 -9.87
N ALA A 630 -13.96 -7.47 -9.26
CA ALA A 630 -13.18 -8.62 -8.75
C ALA A 630 -12.45 -9.36 -9.85
N ALA A 631 -13.07 -9.51 -11.00
CA ALA A 631 -12.47 -10.23 -12.12
C ALA A 631 -11.50 -9.36 -12.87
N GLN A 632 -11.82 -8.08 -12.98
CA GLN A 632 -10.92 -7.11 -13.56
C GLN A 632 -9.64 -6.96 -12.71
N TYR A 633 -9.81 -6.92 -11.38
CA TYR A 633 -8.66 -6.77 -10.51
C TYR A 633 -7.83 -8.05 -10.37
N LYS A 634 -8.50 -9.20 -10.23
CA LYS A 634 -7.82 -10.49 -10.14
C LYS A 634 -6.90 -10.67 -11.36
N GLU A 635 -7.37 -10.18 -12.49
CA GLU A 635 -6.61 -10.23 -13.71
C GLU A 635 -5.46 -9.21 -13.79
N GLN A 636 -5.66 -7.98 -13.33
CA GLN A 636 -4.57 -6.99 -13.39
C GLN A 636 -3.44 -7.40 -12.47
N LEU A 637 -3.82 -8.00 -11.35
CA LEU A 637 -2.92 -8.58 -10.38
C LEU A 637 -2.13 -9.73 -11.04
N ALA A 638 -2.82 -10.74 -11.55
CA ALA A 638 -2.13 -11.85 -12.20
C ALA A 638 -1.16 -11.35 -13.30
N SER A 639 -1.60 -10.39 -14.09
CA SER A 639 -0.79 -9.70 -15.06
C SER A 639 0.49 -9.03 -14.51
N LEU A 640 0.48 -8.62 -13.24
CA LEU A 640 1.63 -8.00 -12.58
C LEU A 640 2.59 -9.07 -12.00
N MET A 641 2.03 -10.07 -11.31
CA MET A 641 2.76 -11.26 -10.89
C MET A 641 3.55 -11.98 -12.02
N ALA A 642 2.92 -12.09 -13.19
CA ALA A 642 3.60 -12.49 -14.40
C ALA A 642 4.75 -11.52 -14.84
N THR A 643 4.59 -10.20 -14.68
CA THR A 643 5.65 -9.22 -14.94
C THR A 643 6.81 -9.40 -13.92
N LEU A 644 6.48 -9.78 -12.70
CA LEU A 644 7.49 -9.94 -11.66
C LEU A 644 8.32 -11.23 -11.75
N GLU A 645 7.66 -12.35 -12.04
CA GLU A 645 8.34 -13.62 -12.28
C GLU A 645 9.52 -13.43 -13.29
N THR A 646 9.31 -12.60 -14.34
CA THR A 646 10.36 -12.24 -15.34
C THR A 646 11.41 -11.25 -14.84
N THR A 647 11.54 -11.08 -13.53
CA THR A 647 12.55 -10.15 -13.02
C THR A 647 13.29 -10.83 -11.94
N ASN A 648 14.45 -10.33 -11.60
CA ASN A 648 15.14 -10.72 -10.40
C ASN A 648 14.59 -9.77 -9.32
N PRO A 649 13.90 -10.35 -8.29
CA PRO A 649 13.27 -9.59 -7.19
C PRO A 649 14.22 -9.20 -6.04
N HIS A 650 14.12 -7.96 -5.60
CA HIS A 650 14.72 -7.54 -4.33
C HIS A 650 13.62 -7.09 -3.35
N PHE A 651 13.72 -7.53 -2.11
CA PHE A 651 12.67 -7.27 -1.16
C PHE A 651 13.11 -6.31 -0.11
N VAL A 652 12.20 -5.43 0.26
CA VAL A 652 12.39 -4.53 1.38
C VAL A 652 11.18 -4.78 2.30
N ARG A 653 11.43 -5.18 3.54
CA ARG A 653 10.31 -5.36 4.49
C ARG A 653 10.16 -4.14 5.38
N CYS A 654 9.22 -3.26 5.11
CA CYS A 654 8.99 -2.14 6.02
C CYS A 654 8.28 -2.57 7.28
N ILE A 655 8.69 -2.03 8.43
CA ILE A 655 8.17 -2.44 9.74
C ILE A 655 7.65 -1.25 10.54
N ILE A 656 6.38 -1.31 10.90
CA ILE A 656 5.80 -0.24 11.74
C ILE A 656 6.15 -0.53 13.21
N PRO A 657 6.69 0.48 13.95
CA PRO A 657 7.18 0.31 15.34
C PRO A 657 6.08 0.18 16.38
N ASN A 658 4.93 0.80 16.09
CA ASN A 658 3.76 0.91 16.99
C ASN A 658 2.47 1.22 16.19
N ASN A 659 1.33 1.41 16.86
CA ASN A 659 0.03 1.72 16.18
C ASN A 659 -0.51 3.15 16.39
N LYS A 660 0.36 4.03 16.93
CA LYS A 660 0.09 5.41 17.35
C LYS A 660 0.90 6.45 16.55
N GLN A 661 1.56 6.03 15.47
CA GLN A 661 2.28 6.92 14.57
C GLN A 661 3.33 7.75 15.27
N LEU A 662 3.89 7.19 16.34
CA LEU A 662 4.90 7.88 17.18
C LEU A 662 6.43 7.55 16.97
N PRO A 663 7.29 8.56 17.16
CA PRO A 663 8.75 8.33 17.18
C PRO A 663 9.25 7.63 18.47
N ALA A 664 10.46 7.06 18.46
CA ALA A 664 11.10 6.59 19.71
C ALA A 664 10.16 5.80 20.63
N LYS A 665 9.30 5.00 20.01
CA LYS A 665 8.49 4.05 20.73
C LYS A 665 8.32 2.70 20.03
N LEU A 666 9.33 1.85 20.13
CA LEU A 666 9.32 0.51 19.58
C LEU A 666 8.54 -0.51 20.43
N GLU A 667 7.29 -0.76 20.04
CA GLU A 667 6.37 -1.68 20.75
C GLU A 667 6.63 -3.15 20.36
N ASP A 668 7.13 -3.94 21.32
CA ASP A 668 7.63 -5.30 21.01
C ASP A 668 6.58 -6.26 20.43
N LYS A 669 5.42 -6.27 21.10
CA LYS A 669 4.21 -6.94 20.65
C LYS A 669 3.93 -6.66 19.14
N VAL A 670 3.97 -5.39 18.72
CA VAL A 670 3.62 -4.95 17.36
C VAL A 670 4.65 -5.34 16.30
N VAL A 671 5.92 -5.20 16.67
CA VAL A 671 7.05 -5.51 15.79
C VAL A 671 7.32 -7.02 15.58
N LEU A 672 7.21 -7.82 16.64
CA LEU A 672 7.32 -9.27 16.54
C LEU A 672 6.19 -9.96 15.71
N ASP A 673 5.00 -9.35 15.64
CA ASP A 673 3.89 -9.91 14.88
C ASP A 673 4.38 -9.92 13.47
N GLN A 674 4.95 -8.80 13.12
CA GLN A 674 5.28 -8.49 11.79
C GLN A 674 6.47 -9.28 11.34
N LEU A 675 7.42 -9.46 12.26
CA LEU A 675 8.53 -10.35 12.03
C LEU A 675 8.12 -11.81 11.79
N ARG A 676 7.12 -12.29 12.51
CA ARG A 676 6.62 -13.66 12.33
C ARG A 676 5.89 -13.85 10.99
N CYS A 677 4.90 -13.00 10.74
CA CYS A 677 4.07 -13.15 9.60
C CYS A 677 4.84 -12.77 8.31
N ASN A 678 5.87 -11.94 8.43
CA ASN A 678 6.67 -11.62 7.26
C ASN A 678 7.68 -12.75 6.88
N GLY A 679 7.93 -13.66 7.83
CA GLY A 679 8.97 -14.66 7.70
C GLY A 679 10.39 -14.08 7.69
N VAL A 680 10.63 -13.11 8.57
CA VAL A 680 11.93 -12.51 8.66
C VAL A 680 12.98 -13.50 9.17
N LEU A 681 12.74 -14.21 10.28
CA LEU A 681 13.69 -15.25 10.76
C LEU A 681 13.84 -16.47 9.85
N GLU A 682 12.77 -16.85 9.16
CA GLU A 682 12.87 -17.93 8.18
C GLU A 682 13.74 -17.52 7.00
N GLY A 683 13.67 -16.26 6.63
CA GLY A 683 14.48 -15.72 5.56
C GLY A 683 15.96 -15.67 5.94
N ILE A 684 16.25 -15.45 7.22
CA ILE A 684 17.62 -15.44 7.69
C ILE A 684 18.05 -16.89 7.81
N ARG A 685 17.20 -17.75 8.34
CA ARG A 685 17.56 -19.17 8.43
C ARG A 685 17.92 -19.81 7.08
N ILE A 686 17.26 -19.39 6.00
CA ILE A 686 17.50 -19.91 4.66
C ILE A 686 18.84 -19.49 4.06
N THR A 687 19.40 -18.44 4.63
CA THR A 687 20.62 -17.88 4.07
C THR A 687 21.88 -18.40 4.80
N ARG A 688 21.77 -18.62 6.11
CA ARG A 688 22.78 -19.28 6.93
C ARG A 688 22.99 -20.71 6.45
N LYS A 689 21.90 -21.45 6.38
CA LYS A 689 21.87 -22.87 6.12
C LYS A 689 22.17 -23.26 4.67
N GLY A 690 21.82 -22.40 3.72
CA GLY A 690 21.87 -22.75 2.29
C GLY A 690 23.05 -22.20 1.49
N PHE A 691 22.86 -22.08 0.18
CA PHE A 691 23.92 -21.76 -0.78
C PHE A 691 23.36 -20.82 -1.90
N PRO A 692 23.32 -19.49 -1.63
CA PRO A 692 22.72 -18.53 -2.61
C PRO A 692 23.30 -18.56 -4.05
N ASN A 693 24.63 -18.43 -4.16
CA ASN A 693 25.42 -18.32 -5.41
C ASN A 693 25.60 -19.63 -6.24
N ARG A 694 25.15 -19.65 -7.50
CA ARG A 694 25.10 -20.89 -8.34
C ARG A 694 25.43 -20.69 -9.89
N ILE A 695 26.63 -21.14 -10.33
CA ILE A 695 27.16 -20.89 -11.73
C ILE A 695 27.08 -22.07 -12.76
VG AD9 B . -0.31 2.66 3.17
O1G AD9 B . 0.31 3.92 1.63
O2G AD9 B . 0.10 0.65 3.02
O3G AD9 B . -1.63 3.48 4.56
PB AD9 B . 2.90 3.17 3.73
O1B AD9 B . 2.74 3.62 2.32
O2B AD9 B . 3.75 2.01 4.18
O3B AD9 B . 1.40 2.91 4.28
PA AD9 B . 4.18 5.69 4.32
O1A AD9 B . 5.40 5.39 3.46
O2A AD9 B . 3.12 6.64 3.78
O3A AD9 B . 3.36 4.36 4.71
O5' AD9 B . 4.74 6.12 5.78
C5' AD9 B . 3.89 6.65 6.81
C4' AD9 B . 4.50 7.90 7.44
O4' AD9 B . 5.59 7.57 8.30
C3' AD9 B . 5.08 8.87 6.43
O3' AD9 B . 4.08 9.76 5.98
C2' AD9 B . 6.14 9.60 7.20
O2' AD9 B . 5.46 10.61 7.99
C1' AD9 B . 6.68 8.50 8.11
N9 AD9 B . 7.89 7.81 7.55
C8 AD9 B . 7.93 6.58 7.00
N7 AD9 B . 9.20 6.26 6.65
C5 AD9 B . 9.98 7.32 6.98
C6 AD9 B . 11.36 7.61 6.84
N6 AD9 B . 12.25 6.77 6.29
N1 AD9 B . 11.80 8.81 7.28
C2 AD9 B . 11.00 9.72 7.84
C4 AD9 B . 9.16 8.28 7.55
N3 AD9 B . 9.71 9.45 7.98
MG MG C . 1.77 3.70 0.52
CL1 KI9 D . -11.11 3.41 -12.31
C10 KI9 D . -12.68 3.03 -13.10
C9 KI9 D . -12.86 2.18 -14.20
CL2 KI9 D . -11.49 1.33 -14.97
C8 KI9 D . -14.15 1.98 -14.71
CL3 KI9 D . -14.52 0.93 -16.10
C11 KI9 D . -13.74 3.66 -12.53
C12 KI9 D . -15.01 3.47 -13.03
C7 KI9 D . -15.20 2.64 -14.10
C4 KI9 D . -16.53 2.60 -14.42
C3 KI9 D . -17.17 3.42 -13.52
C2 KI9 D . -18.52 3.57 -13.59
CL5 KI9 D . -19.24 4.63 -12.37
C5 KI9 D . -17.23 1.92 -15.41
C6 KI9 D . -18.63 2.10 -15.46
CL6 KI9 D . -19.71 1.32 -16.66
C1 KI9 D . -19.25 2.92 -14.55
N13 KI9 D . -16.23 3.93 -12.69
O14 KI9 D . -13.55 4.47 -11.47
#